data_2OXG
#
_entry.id   2OXG
#
_cell.length_a   206.828
_cell.length_b   54.717
_cell.length_c   77.677
_cell.angle_alpha   90.00
_cell.angle_beta   98.68
_cell.angle_gamma   90.00
#
_symmetry.space_group_name_H-M   'C 1 2 1'
#
loop_
_entity.id
_entity.type
_entity.pdbx_description
1 polymer 'SoxZ protein'
2 polymer 'SoxY protein'
3 non-polymer 'SULFATE ION'
4 non-polymer 1,2-ETHANEDIOL
5 water water
#
loop_
_entity_poly.entity_id
_entity_poly.type
_entity_poly.pdbx_seq_one_letter_code
_entity_poly.pdbx_strand_id
1 'polypeptide(L)'
;ADDAKPRVKVPSSAKAGETVTVKALISHKMESGQRKDADGKLIPRSIINRFTCELNGVNVVDVAIDPAVSTNPYFEFDAK
VDAAGEFKFTWYDDDGSVYEDVKPIAVA
;
Z,A,C,E
2 'polypeptide(L)'
;MRGSHHHHHHGSSTVDELTAAFTGGAATGEGGLTLTAPEIAENGNTVPIEVKAPGAVAIMLLAAGNPEPAVATFNFGPAA
ADQRAATRIRLAQTQDVIALAKMADGSVVKAQTTVKVTIGGCGG
;
Y,B,D,F
#
loop_
_chem_comp.id
_chem_comp.type
_chem_comp.name
_chem_comp.formula
EDO non-polymer 1,2-ETHANEDIOL 'C2 H6 O2'
SO4 non-polymer 'SULFATE ION' 'O4 S -2'
#
# COMPACT_ATOMS: atom_id res chain seq x y z
N ALA A 1 16.62 -3.12 11.04
CA ALA A 1 16.81 -4.27 11.99
C ALA A 1 18.05 -4.01 12.82
N ASP A 2 18.09 -4.63 14.00
CA ASP A 2 19.23 -4.45 14.90
C ASP A 2 20.42 -5.33 14.51
N ASP A 3 21.60 -4.84 14.88
CA ASP A 3 22.84 -5.62 14.81
C ASP A 3 23.17 -6.14 13.42
N ALA A 4 22.85 -5.35 12.39
CA ALA A 4 23.11 -5.73 10.99
C ALA A 4 24.52 -5.29 10.70
N LYS A 5 25.46 -6.03 11.26
CA LYS A 5 26.88 -5.66 11.21
C LYS A 5 27.45 -6.17 9.87
N PRO A 6 27.94 -5.25 9.04
CA PRO A 6 28.61 -5.69 7.81
C PRO A 6 30.03 -6.15 8.03
N ARG A 7 30.49 -7.10 7.20
CA ARG A 7 31.90 -7.45 7.18
C ARG A 7 32.29 -7.63 5.74
N VAL A 8 33.31 -6.91 5.31
CA VAL A 8 33.81 -7.01 3.94
CA VAL A 8 33.80 -7.05 3.95
C VAL A 8 35.27 -7.43 3.95
N LYS A 9 35.64 -8.33 3.05
CA LYS A 9 37.02 -8.71 2.85
CA LYS A 9 37.03 -8.72 2.85
C LYS A 9 37.37 -8.34 1.43
N VAL A 10 38.37 -7.48 1.29
CA VAL A 10 38.84 -7.06 -0.02
C VAL A 10 40.24 -6.51 0.20
N PRO A 11 41.16 -6.79 -0.72
CA PRO A 11 42.49 -6.17 -0.61
C PRO A 11 42.42 -4.65 -0.50
N SER A 12 43.41 -4.08 0.19
CA SER A 12 43.43 -2.65 0.41
C SER A 12 44.20 -1.86 -0.68
N SER A 13 44.79 -2.59 -1.61
CA SER A 13 45.39 -1.96 -2.78
C SER A 13 45.43 -2.98 -3.88
N ALA A 14 45.65 -2.49 -5.12
CA ALA A 14 45.80 -3.34 -6.28
C ALA A 14 46.66 -2.58 -7.27
N LYS A 15 47.26 -3.32 -8.19
CA LYS A 15 47.92 -2.67 -9.32
C LYS A 15 46.82 -2.13 -10.23
N ALA A 16 47.04 -0.98 -10.84
CA ALA A 16 46.02 -0.40 -11.72
C ALA A 16 45.62 -1.39 -12.80
N GLY A 17 44.30 -1.61 -12.92
CA GLY A 17 43.71 -2.55 -13.89
C GLY A 17 43.57 -3.98 -13.43
N GLU A 18 44.06 -4.28 -12.23
CA GLU A 18 44.03 -5.62 -11.68
C GLU A 18 42.63 -5.95 -11.14
N THR A 19 42.33 -7.24 -11.11
CA THR A 19 41.06 -7.72 -10.53
C THR A 19 41.28 -7.98 -9.05
N VAL A 20 40.29 -7.59 -8.25
CA VAL A 20 40.25 -8.04 -6.87
C VAL A 20 38.94 -8.78 -6.58
N THR A 21 39.04 -9.78 -5.72
CA THR A 21 37.86 -10.45 -5.25
C THR A 21 37.32 -9.71 -4.04
N VAL A 22 35.99 -9.54 -4.02
CA VAL A 22 35.30 -8.88 -2.93
C VAL A 22 34.38 -9.87 -2.26
N LYS A 23 34.42 -9.94 -0.93
CA LYS A 23 33.50 -10.81 -0.18
C LYS A 23 32.74 -9.92 0.79
N ALA A 24 31.42 -9.96 0.74
CA ALA A 24 30.61 -9.05 1.56
C ALA A 24 29.56 -9.82 2.31
N LEU A 25 29.57 -9.67 3.64
CA LEU A 25 28.67 -10.41 4.54
C LEU A 25 27.95 -9.40 5.41
N ILE A 26 26.72 -9.70 5.80
CA ILE A 26 26.03 -8.92 6.83
C ILE A 26 25.20 -9.83 7.68
N SER A 27 25.03 -9.49 8.96
CA SER A 27 24.22 -10.30 9.84
C SER A 27 22.74 -9.93 9.70
N HIS A 28 21.91 -10.89 9.37
CA HIS A 28 20.48 -10.62 9.19
C HIS A 28 19.67 -11.90 9.22
N LYS A 29 18.56 -11.91 9.95
CA LYS A 29 17.80 -13.16 10.07
C LYS A 29 17.21 -13.61 8.74
N MET A 30 16.88 -12.65 7.87
CA MET A 30 16.24 -12.95 6.58
C MET A 30 14.99 -13.81 6.77
N GLU A 31 14.11 -13.39 7.67
CA GLU A 31 12.85 -14.12 7.87
C GLU A 31 12.13 -14.27 6.55
N SER A 32 11.93 -15.52 6.13
CA SER A 32 11.59 -15.80 4.72
C SER A 32 10.13 -15.57 4.35
N GLY A 33 9.21 -15.70 5.31
CA GLY A 33 7.77 -15.74 4.98
C GLY A 33 7.19 -17.14 4.89
N GLN A 34 8.04 -18.16 5.02
CA GLN A 34 7.65 -19.57 4.93
C GLN A 34 7.68 -20.32 6.28
N ARG A 35 8.22 -19.69 7.33
CA ARG A 35 8.40 -20.38 8.61
C ARG A 35 7.09 -20.27 9.38
N LYS A 36 6.70 -21.33 10.07
CA LYS A 36 5.47 -21.31 10.86
C LYS A 36 5.80 -21.16 12.34
N ASP A 37 4.97 -20.41 13.06
CA ASP A 37 5.18 -20.30 14.51
C ASP A 37 4.63 -21.54 15.20
N ALA A 38 4.73 -21.55 16.54
CA ALA A 38 4.31 -22.69 17.35
C ALA A 38 2.86 -23.13 17.10
N ASP A 39 2.02 -22.17 16.72
CA ASP A 39 0.59 -22.40 16.45
C ASP A 39 0.27 -22.64 14.95
N GLY A 40 1.32 -22.86 14.15
CA GLY A 40 1.16 -23.18 12.74
C GLY A 40 0.90 -22.02 11.79
N LYS A 41 1.04 -20.80 12.31
CA LYS A 41 0.81 -19.58 11.52
C LYS A 41 2.12 -19.15 10.87
N LEU A 42 2.06 -18.76 9.60
CA LEU A 42 3.24 -18.22 8.91
C LEU A 42 3.73 -16.93 9.55
N ILE A 43 5.05 -16.83 9.64
CA ILE A 43 5.73 -15.66 10.20
C ILE A 43 6.10 -14.77 9.02
N PRO A 44 5.65 -13.52 9.02
CA PRO A 44 5.84 -12.61 7.89
C PRO A 44 7.30 -12.43 7.44
N ARG A 45 7.48 -12.30 6.14
CA ARG A 45 8.78 -12.04 5.57
C ARG A 45 9.37 -10.71 6.09
N SER A 46 10.68 -10.69 6.31
CA SER A 46 11.37 -9.41 6.48
C SER A 46 12.83 -9.70 6.14
N ILE A 47 13.23 -9.36 4.90
CA ILE A 47 14.59 -9.67 4.44
C ILE A 47 15.30 -8.40 3.99
N ILE A 48 16.61 -8.54 3.79
CA ILE A 48 17.33 -7.59 2.95
C ILE A 48 16.99 -7.93 1.50
N ASN A 49 16.51 -6.93 0.76
CA ASN A 49 15.97 -7.18 -0.59
C ASN A 49 16.88 -6.68 -1.73
N ARG A 50 18.00 -6.04 -1.40
CA ARG A 50 18.91 -5.53 -2.43
C ARG A 50 20.27 -5.26 -1.78
N PHE A 51 21.30 -5.55 -2.55
CA PHE A 51 22.67 -5.27 -2.16
C PHE A 51 23.38 -4.63 -3.35
N THR A 52 24.09 -3.53 -3.10
CA THR A 52 24.95 -2.93 -4.13
C THR A 52 26.37 -2.74 -3.66
N CYS A 53 27.30 -2.91 -4.60
CA CYS A 53 28.68 -2.53 -4.38
C CYS A 53 29.08 -1.59 -5.50
N GLU A 54 29.55 -0.40 -5.12
CA GLU A 54 30.07 0.60 -6.07
C GLU A 54 31.53 0.83 -5.80
N LEU A 55 32.29 1.02 -6.87
CA LEU A 55 33.71 1.32 -6.71
C LEU A 55 33.82 2.69 -7.31
N ASN A 56 34.22 3.64 -6.47
CA ASN A 56 34.43 4.99 -6.92
C ASN A 56 33.15 5.51 -7.59
N GLY A 57 32.00 5.17 -7.00
CA GLY A 57 30.68 5.59 -7.46
C GLY A 57 30.07 4.86 -8.65
N VAL A 58 30.79 3.93 -9.24
CA VAL A 58 30.30 3.17 -10.40
C VAL A 58 29.98 1.73 -9.98
N ASN A 59 28.89 1.18 -10.47
CA ASN A 59 28.43 -0.11 -9.96
C ASN A 59 29.37 -1.24 -10.34
N VAL A 60 29.62 -2.08 -9.35
CA VAL A 60 30.31 -3.36 -9.55
C VAL A 60 29.25 -4.45 -9.69
N VAL A 61 28.37 -4.56 -8.69
N VAL A 61 28.44 -4.67 -8.64
CA VAL A 61 27.27 -5.49 -8.78
CA VAL A 61 27.23 -5.49 -8.80
C VAL A 61 26.05 -4.96 -8.03
C VAL A 61 26.04 -4.83 -8.13
N ASP A 62 24.86 -5.25 -8.56
CA ASP A 62 23.57 -4.81 -7.99
C ASP A 62 22.74 -6.07 -7.92
N VAL A 63 22.43 -6.53 -6.71
CA VAL A 63 21.81 -7.82 -6.54
C VAL A 63 20.39 -7.63 -5.98
N ALA A 64 19.40 -8.15 -6.71
CA ALA A 64 18.03 -8.19 -6.25
C ALA A 64 17.92 -9.47 -5.43
N ILE A 65 17.53 -9.35 -4.16
CA ILE A 65 17.60 -10.48 -3.23
C ILE A 65 16.20 -10.92 -2.85
N ASP A 66 15.95 -12.23 -2.95
CA ASP A 66 14.65 -12.81 -2.59
C ASP A 66 14.78 -13.68 -1.35
N PRO A 67 13.64 -14.12 -0.79
CA PRO A 67 13.68 -14.87 0.47
C PRO A 67 14.48 -16.16 0.51
N ALA A 68 14.85 -16.69 -0.67
CA ALA A 68 15.67 -17.88 -0.68
C ALA A 68 17.16 -17.61 -0.49
N VAL A 69 17.57 -16.34 -0.44
CA VAL A 69 18.97 -16.08 -0.01
C VAL A 69 19.07 -16.37 1.50
N SER A 70 20.19 -16.96 1.91
CA SER A 70 20.32 -17.44 3.30
C SER A 70 20.36 -16.34 4.36
N THR A 71 20.02 -16.74 5.59
CA THR A 71 20.37 -15.94 6.75
C THR A 71 21.83 -15.48 6.65
N ASN A 72 22.06 -14.22 7.06
CA ASN A 72 23.40 -13.61 6.97
C ASN A 72 23.90 -13.61 5.52
N PRO A 73 23.25 -12.81 4.66
CA PRO A 73 23.55 -12.89 3.23
C PRO A 73 25.02 -12.63 2.95
N TYR A 74 25.53 -13.43 2.02
CA TYR A 74 26.92 -13.41 1.63
C TYR A 74 27.00 -13.25 0.12
N PHE A 75 27.82 -12.31 -0.37
CA PHE A 75 28.03 -12.16 -1.82
C PHE A 75 29.51 -12.04 -2.11
N GLU A 76 29.95 -12.76 -3.13
CA GLU A 76 31.33 -12.67 -3.56
C GLU A 76 31.31 -12.42 -5.06
N PHE A 77 32.23 -11.56 -5.51
CA PHE A 77 32.25 -11.10 -6.91
C PHE A 77 33.60 -10.38 -7.13
N ASP A 78 33.86 -9.94 -8.37
CA ASP A 78 35.19 -9.45 -8.71
C ASP A 78 35.10 -8.05 -9.30
N ALA A 79 35.94 -7.16 -8.79
CA ALA A 79 35.97 -5.76 -9.22
C ALA A 79 37.27 -5.47 -9.97
N LYS A 80 37.17 -4.64 -11.00
CA LYS A 80 38.35 -4.15 -11.71
C LYS A 80 38.79 -2.84 -11.10
N VAL A 81 40.02 -2.75 -10.61
CA VAL A 81 40.49 -1.56 -9.89
C VAL A 81 41.40 -0.76 -10.82
N ASP A 82 40.82 0.22 -11.51
CA ASP A 82 41.57 1.03 -12.47
C ASP A 82 42.20 2.26 -11.84
N ALA A 83 41.72 2.62 -10.66
CA ALA A 83 42.10 3.85 -9.96
C ALA A 83 41.74 3.79 -8.47
N ALA A 84 42.45 4.57 -7.66
CA ALA A 84 42.28 4.62 -6.21
C ALA A 84 40.95 5.24 -5.81
N GLY A 85 40.48 4.88 -4.63
CA GLY A 85 39.31 5.54 -4.06
C GLY A 85 38.68 4.63 -3.05
N GLU A 86 37.41 4.33 -3.26
CA GLU A 86 36.72 3.50 -2.26
C GLU A 86 35.57 2.68 -2.80
N PHE A 87 35.37 1.52 -2.18
CA PHE A 87 34.16 0.73 -2.36
C PHE A 87 33.08 1.20 -1.37
N LYS A 88 31.86 1.31 -1.87
CA LYS A 88 30.68 1.57 -1.00
C LYS A 88 29.72 0.40 -1.16
N PHE A 89 29.38 -0.20 -0.03
CA PHE A 89 28.50 -1.34 0.04
C PHE A 89 27.21 -0.89 0.68
N THR A 90 26.08 -1.23 0.07
CA THR A 90 24.75 -0.85 0.58
C THR A 90 23.81 -2.03 0.58
N TRP A 91 23.13 -2.22 1.71
CA TRP A 91 22.11 -3.23 1.81
C TRP A 91 20.78 -2.60 2.20
N TYR A 92 19.72 -2.97 1.51
CA TYR A 92 18.40 -2.36 1.71
C TYR A 92 17.50 -3.35 2.42
N ASP A 93 16.97 -2.96 3.58
CA ASP A 93 16.11 -3.83 4.36
C ASP A 93 14.63 -3.59 3.98
N ASP A 94 13.86 -4.68 3.91
CA ASP A 94 12.38 -4.60 3.78
C ASP A 94 11.82 -3.63 4.82
N ASP A 95 12.45 -3.54 6.00
CA ASP A 95 11.88 -2.72 7.07
C ASP A 95 12.19 -1.25 6.92
N GLY A 96 12.93 -0.88 5.86
CA GLY A 96 13.26 0.51 5.58
C GLY A 96 14.66 0.95 5.93
N SER A 97 15.35 0.16 6.75
CA SER A 97 16.73 0.43 7.10
C SER A 97 17.64 0.32 5.88
N VAL A 98 18.74 1.05 5.93
CA VAL A 98 19.77 0.98 4.91
C VAL A 98 21.06 0.83 5.63
N TYR A 99 21.80 -0.22 5.30
CA TYR A 99 23.08 -0.50 5.95
C TYR A 99 24.19 -0.18 4.97
N GLU A 100 25.29 0.37 5.46
CA GLU A 100 26.40 0.79 4.60
C GLU A 100 27.74 0.41 5.18
N ASP A 101 28.70 0.21 4.29
CA ASP A 101 30.09 0.01 4.69
C ASP A 101 30.93 0.62 3.61
N VAL A 102 32.05 1.25 3.98
CA VAL A 102 32.94 1.84 3.00
C VAL A 102 34.33 1.30 3.24
N LYS A 103 35.04 0.98 2.15
CA LYS A 103 36.38 0.42 2.26
C LYS A 103 37.30 1.13 1.30
N PRO A 104 38.43 1.66 1.79
CA PRO A 104 39.35 2.33 0.87
C PRO A 104 40.09 1.32 0.03
N ILE A 105 40.49 1.73 -1.17
CA ILE A 105 41.43 0.92 -1.94
C ILE A 105 42.39 1.84 -2.69
N ALA A 106 43.66 1.47 -2.59
CA ALA A 106 44.74 2.26 -3.16
C ALA A 106 45.22 1.58 -4.42
N VAL A 107 45.93 2.31 -5.27
N VAL A 107 45.87 2.35 -5.29
CA VAL A 107 46.51 1.69 -6.45
CA VAL A 107 46.57 1.74 -6.41
C VAL A 107 48.04 1.74 -6.43
C VAL A 107 48.07 1.67 -6.11
N ALA A 108 48.68 0.58 -6.55
CA ALA A 108 50.16 0.42 -6.71
C ALA A 108 51.09 1.35 -5.93
N GLY B 11 -2.54 -21.42 -17.50
CA GLY B 11 -1.50 -20.71 -16.68
C GLY B 11 -0.21 -21.49 -16.59
N SER B 12 0.91 -20.80 -16.68
CA SER B 12 2.22 -21.47 -16.68
C SER B 12 2.76 -21.59 -15.24
N SER B 13 3.87 -22.33 -15.10
CA SER B 13 4.53 -22.43 -13.81
C SER B 13 5.17 -21.09 -13.50
N THR B 14 5.41 -20.86 -12.22
CA THR B 14 6.12 -19.66 -11.79
C THR B 14 7.53 -19.61 -12.36
N VAL B 15 8.22 -20.75 -12.38
CA VAL B 15 9.54 -20.79 -13.00
C VAL B 15 9.43 -20.36 -14.47
N ASP B 16 8.43 -20.87 -15.17
CA ASP B 16 8.27 -20.51 -16.58
C ASP B 16 7.98 -19.03 -16.78
N GLU B 17 7.13 -18.49 -15.92
CA GLU B 17 6.81 -17.07 -15.95
C GLU B 17 8.03 -16.17 -15.72
N LEU B 18 8.84 -16.53 -14.71
CA LEU B 18 10.05 -15.76 -14.44
C LEU B 18 11.05 -15.89 -15.60
N THR B 19 11.18 -17.11 -16.13
CA THR B 19 12.07 -17.35 -17.25
C THR B 19 11.65 -16.53 -18.47
N ALA B 20 10.35 -16.53 -18.77
CA ALA B 20 9.86 -15.78 -19.94
C ALA B 20 10.08 -14.28 -19.79
N ALA B 21 9.89 -13.76 -18.58
CA ALA B 21 10.12 -12.34 -18.36
C ALA B 21 11.60 -11.99 -18.64
N PHE B 22 12.50 -12.87 -18.19
CA PHE B 22 13.92 -12.67 -18.39
C PHE B 22 14.38 -12.76 -19.85
N THR B 23 13.79 -13.70 -20.59
CA THR B 23 14.21 -13.88 -21.99
C THR B 23 13.46 -12.99 -22.99
N GLY B 24 12.39 -12.34 -22.55
CA GLY B 24 11.57 -11.55 -23.46
C GLY B 24 10.82 -12.43 -24.45
N GLY B 25 10.69 -13.70 -24.09
CA GLY B 25 9.95 -14.64 -24.90
C GLY B 25 10.83 -15.44 -25.84
N ALA B 26 12.11 -15.10 -25.92
CA ALA B 26 13.03 -15.88 -26.77
C ALA B 26 13.39 -17.17 -26.02
N ALA B 27 13.99 -18.14 -26.71
CA ALA B 27 14.37 -19.37 -26.02
C ALA B 27 15.63 -19.15 -25.22
N THR B 28 15.88 -20.03 -24.27
CA THR B 28 17.21 -20.11 -23.65
C THR B 28 18.10 -21.05 -24.47
N GLY B 29 19.35 -20.63 -24.64
CA GLY B 29 20.38 -21.46 -25.24
C GLY B 29 21.17 -22.17 -24.16
N GLU B 30 22.20 -22.89 -24.57
CA GLU B 30 23.04 -23.62 -23.64
C GLU B 30 24.46 -23.15 -23.85
N GLY B 31 25.31 -23.44 -22.88
CA GLY B 31 26.70 -22.99 -22.98
C GLY B 31 26.79 -21.54 -22.52
N GLY B 32 28.01 -21.07 -22.32
CA GLY B 32 28.23 -19.67 -21.97
C GLY B 32 28.10 -19.38 -20.47
N LEU B 33 27.80 -20.41 -19.67
CA LEU B 33 27.73 -20.18 -18.22
C LEU B 33 28.05 -21.44 -17.43
N THR B 34 28.46 -21.22 -16.18
CA THR B 34 28.71 -22.30 -15.25
C THR B 34 27.83 -22.08 -14.05
N LEU B 35 27.16 -23.14 -13.61
CA LEU B 35 26.46 -23.15 -12.34
C LEU B 35 27.10 -24.22 -11.47
N THR B 36 27.60 -23.81 -10.30
CA THR B 36 28.30 -24.71 -9.41
C THR B 36 27.50 -24.80 -8.13
N ALA B 37 27.09 -26.03 -7.80
CA ALA B 37 26.31 -26.28 -6.60
C ALA B 37 26.68 -27.68 -6.13
N PRO B 38 26.60 -27.95 -4.82
CA PRO B 38 26.96 -29.30 -4.33
C PRO B 38 26.01 -30.36 -4.83
N GLU B 39 26.52 -31.57 -5.05
CA GLU B 39 25.64 -32.69 -5.37
C GLU B 39 24.66 -32.98 -4.21
N ILE B 40 25.18 -32.91 -2.99
CA ILE B 40 24.39 -33.12 -1.78
C ILE B 40 24.61 -31.92 -0.86
N ALA B 41 23.52 -31.24 -0.51
CA ALA B 41 23.58 -30.17 0.50
C ALA B 41 23.05 -30.72 1.83
N GLU B 42 23.97 -30.97 2.73
CA GLU B 42 23.71 -31.32 4.13
C GLU B 42 22.66 -30.42 4.78
N ASN B 43 22.83 -29.12 4.59
CA ASN B 43 21.97 -28.19 5.28
C ASN B 43 21.38 -27.24 4.28
N GLY B 44 20.10 -27.47 3.97
CA GLY B 44 19.39 -26.68 3.00
C GLY B 44 19.16 -25.25 3.42
N ASN B 45 19.50 -24.90 4.67
CA ASN B 45 19.41 -23.52 5.10
C ASN B 45 20.51 -22.66 4.46
N THR B 46 21.59 -23.30 4.05
CA THR B 46 22.72 -22.56 3.57
C THR B 46 23.54 -23.37 2.59
N VAL B 47 23.21 -23.21 1.32
CA VAL B 47 23.81 -23.99 0.25
C VAL B 47 24.66 -23.07 -0.59
N PRO B 48 25.98 -23.35 -0.71
CA PRO B 48 26.81 -22.46 -1.52
C PRO B 48 26.56 -22.63 -3.01
N ILE B 49 26.44 -21.52 -3.74
CA ILE B 49 26.18 -21.52 -5.18
C ILE B 49 27.13 -20.52 -5.83
N GLU B 50 27.77 -20.92 -6.93
CA GLU B 50 28.52 -19.97 -7.72
C GLU B 50 28.04 -20.02 -9.15
N VAL B 51 27.95 -18.86 -9.76
CA VAL B 51 27.61 -18.74 -11.18
C VAL B 51 28.66 -17.91 -11.90
N LYS B 52 28.97 -18.29 -13.14
CA LYS B 52 29.88 -17.51 -13.96
C LYS B 52 29.26 -17.48 -15.36
N ALA B 53 29.28 -16.33 -16.01
CA ALA B 53 28.76 -16.25 -17.40
C ALA B 53 29.47 -15.13 -18.12
N PRO B 54 30.63 -15.43 -18.71
CA PRO B 54 31.43 -14.36 -19.33
C PRO B 54 30.60 -13.49 -20.25
N GLY B 55 30.64 -12.19 -20.03
CA GLY B 55 29.90 -11.23 -20.86
C GLY B 55 28.49 -10.94 -20.43
N ALA B 56 27.98 -11.65 -19.43
CA ALA B 56 26.58 -11.46 -19.04
C ALA B 56 26.33 -10.08 -18.47
N VAL B 57 25.19 -9.49 -18.81
CA VAL B 57 24.77 -8.27 -18.11
C VAL B 57 24.05 -8.64 -16.80
N ALA B 58 23.50 -9.83 -16.76
CA ALA B 58 22.78 -10.28 -15.55
C ALA B 58 22.69 -11.79 -15.51
N ILE B 59 22.70 -12.34 -14.29
CA ILE B 59 22.42 -13.73 -14.06
C ILE B 59 21.31 -13.88 -13.03
N MET B 60 20.24 -14.61 -13.37
CA MET B 60 19.15 -14.85 -12.44
C MET B 60 19.18 -16.29 -11.97
N LEU B 61 18.99 -16.50 -10.66
CA LEU B 61 19.00 -17.83 -10.07
C LEU B 61 17.61 -18.17 -9.60
N LEU B 62 17.17 -19.37 -9.97
CA LEU B 62 15.87 -19.92 -9.56
C LEU B 62 16.07 -21.26 -8.87
N ALA B 63 15.16 -21.57 -7.94
CA ALA B 63 15.19 -22.84 -7.21
C ALA B 63 13.82 -23.45 -7.49
N ALA B 64 13.78 -24.42 -8.39
CA ALA B 64 12.51 -24.82 -9.00
C ALA B 64 11.58 -25.57 -8.03
N GLY B 65 12.12 -26.07 -6.93
CA GLY B 65 11.32 -26.77 -5.93
C GLY B 65 11.00 -25.95 -4.70
N ASN B 66 11.38 -24.66 -4.70
CA ASN B 66 11.05 -23.79 -3.56
C ASN B 66 9.68 -23.17 -3.73
N PRO B 67 8.99 -22.88 -2.60
CA PRO B 67 7.66 -22.28 -2.70
C PRO B 67 7.65 -20.94 -3.44
N GLU B 68 8.73 -20.17 -3.31
CA GLU B 68 8.90 -18.92 -4.06
C GLU B 68 10.20 -19.10 -4.82
N PRO B 69 10.13 -19.57 -6.09
CA PRO B 69 11.35 -20.02 -6.78
C PRO B 69 12.41 -18.98 -7.08
N ALA B 70 12.07 -17.71 -7.18
CA ALA B 70 13.13 -16.71 -7.44
C ALA B 70 14.10 -16.64 -6.29
N VAL B 71 15.40 -16.72 -6.58
CA VAL B 71 16.41 -16.65 -5.52
C VAL B 71 17.07 -15.27 -5.50
N ALA B 72 17.63 -14.87 -6.63
CA ALA B 72 18.35 -13.59 -6.71
C ALA B 72 18.62 -13.27 -8.17
N THR B 73 18.81 -12.00 -8.44
CA THR B 73 19.27 -11.56 -9.76
C THR B 73 20.49 -10.71 -9.59
N PHE B 74 21.59 -11.15 -10.21
CA PHE B 74 22.87 -10.42 -10.18
C PHE B 74 22.99 -9.57 -11.43
N ASN B 75 23.10 -8.26 -11.26
CA ASN B 75 23.30 -7.34 -12.37
CA ASN B 75 23.32 -7.34 -12.37
C ASN B 75 24.73 -6.81 -12.28
N PHE B 76 25.54 -7.07 -13.29
CA PHE B 76 26.93 -6.67 -13.28
C PHE B 76 27.10 -5.28 -13.84
N GLY B 77 27.79 -4.43 -13.10
CA GLY B 77 28.02 -3.06 -13.55
C GLY B 77 29.33 -2.87 -14.25
N PRO B 78 29.60 -1.64 -14.69
CA PRO B 78 30.83 -1.37 -15.45
C PRO B 78 32.12 -1.67 -14.71
N ALA B 79 32.08 -1.67 -13.38
CA ALA B 79 33.29 -1.87 -12.61
C ALA B 79 33.51 -3.34 -12.22
N ALA B 80 32.62 -4.24 -12.64
CA ALA B 80 32.88 -5.68 -12.47
C ALA B 80 34.03 -6.09 -13.39
N ALA B 81 34.94 -6.89 -12.83
CA ALA B 81 36.08 -7.40 -13.61
C ALA B 81 35.69 -8.54 -14.50
N ASP B 82 34.69 -9.30 -14.05
CA ASP B 82 34.21 -10.48 -14.74
C ASP B 82 32.82 -10.76 -14.17
N GLN B 83 32.15 -11.77 -14.72
CA GLN B 83 30.76 -12.01 -14.41
C GLN B 83 30.59 -13.31 -13.60
N ARG B 84 31.32 -13.35 -12.49
CA ARG B 84 31.19 -14.41 -11.49
C ARG B 84 30.50 -13.84 -10.25
N ALA B 85 29.63 -14.64 -9.65
CA ALA B 85 29.05 -14.29 -8.36
C ALA B 85 28.85 -15.56 -7.55
N ALA B 86 29.05 -15.47 -6.24
CA ALA B 86 28.75 -16.56 -5.35
C ALA B 86 27.90 -16.05 -4.20
N THR B 87 27.05 -16.93 -3.71
CA THR B 87 26.23 -16.63 -2.54
C THR B 87 25.88 -17.95 -1.86
N ARG B 88 25.04 -17.87 -0.82
CA ARG B 88 24.51 -19.05 -0.16
C ARG B 88 22.98 -18.94 -0.16
N ILE B 89 22.32 -20.05 -0.44
CA ILE B 89 20.87 -20.05 -0.64
C ILE B 89 20.17 -21.10 0.20
N ARG B 90 18.85 -20.98 0.25
CA ARG B 90 18.00 -21.93 0.94
C ARG B 90 17.29 -22.82 -0.07
N LEU B 91 17.29 -24.15 0.21
CA LEU B 91 16.55 -25.10 -0.62
C LEU B 91 15.64 -25.90 0.30
N ALA B 92 14.34 -25.89 -0.01
CA ALA B 92 13.33 -26.56 0.82
C ALA B 92 13.44 -28.07 0.81
N GLN B 93 13.94 -28.62 -0.29
CA GLN B 93 14.07 -30.06 -0.48
C GLN B 93 14.87 -30.28 -1.75
N THR B 94 15.20 -31.55 -2.03
CA THR B 94 15.88 -31.90 -3.26
C THR B 94 15.15 -31.32 -4.46
N GLN B 95 15.91 -30.68 -5.34
CA GLN B 95 15.34 -29.96 -6.47
C GLN B 95 16.39 -29.55 -7.44
N ASP B 96 15.94 -29.03 -8.59
CA ASP B 96 16.83 -28.43 -9.54
C ASP B 96 16.99 -26.93 -9.32
N VAL B 97 18.25 -26.50 -9.37
CA VAL B 97 18.62 -25.09 -9.33
C VAL B 97 18.92 -24.68 -10.77
N ILE B 98 18.40 -23.53 -11.17
CA ILE B 98 18.52 -23.04 -12.54
C ILE B 98 19.23 -21.68 -12.54
N ALA B 99 20.22 -21.53 -13.42
CA ALA B 99 20.83 -20.22 -13.67
C ALA B 99 20.53 -19.80 -15.11
N LEU B 100 20.09 -18.54 -15.25
CA LEU B 100 19.84 -17.91 -16.56
C LEU B 100 20.77 -16.73 -16.68
N ALA B 101 21.51 -16.61 -17.79
CA ALA B 101 22.44 -15.49 -17.98
C ALA B 101 22.01 -14.77 -19.24
N LYS B 102 21.95 -13.45 -19.15
CA LYS B 102 21.55 -12.59 -20.26
C LYS B 102 22.75 -11.82 -20.78
N MET B 103 22.94 -11.85 -22.10
CA MET B 103 24.09 -11.22 -22.72
C MET B 103 23.72 -9.83 -23.22
N ALA B 104 24.71 -9.04 -23.62
CA ALA B 104 24.47 -7.67 -24.09
C ALA B 104 23.49 -7.60 -25.26
N ASP B 105 23.48 -8.64 -26.10
CA ASP B 105 22.55 -8.66 -27.22
C ASP B 105 21.14 -9.14 -26.85
N GLY B 106 20.92 -9.42 -25.57
CA GLY B 106 19.60 -9.82 -25.09
C GLY B 106 19.39 -11.32 -25.09
N SER B 107 20.30 -12.07 -25.69
CA SER B 107 20.18 -13.53 -25.66
C SER B 107 20.40 -14.11 -24.27
N VAL B 108 19.78 -15.26 -24.03
CA VAL B 108 19.85 -15.90 -22.71
C VAL B 108 20.30 -17.34 -22.83
N VAL B 109 21.17 -17.73 -21.90
CA VAL B 109 21.61 -19.12 -21.79
C VAL B 109 21.24 -19.67 -20.42
N LYS B 110 21.05 -20.98 -20.35
CA LYS B 110 20.56 -21.65 -19.16
C LYS B 110 21.46 -22.80 -18.77
N ALA B 111 21.62 -22.97 -17.46
CA ALA B 111 22.23 -24.15 -16.89
C ALA B 111 21.34 -24.61 -15.73
N GLN B 112 21.35 -25.90 -15.44
CA GLN B 112 20.44 -26.46 -14.44
C GLN B 112 21.13 -27.66 -13.82
N THR B 113 21.03 -27.80 -12.51
CA THR B 113 21.62 -28.96 -11.84
C THR B 113 20.79 -29.36 -10.64
N THR B 114 20.85 -30.65 -10.28
CA THR B 114 20.05 -31.15 -9.17
C THR B 114 20.89 -31.08 -7.90
N VAL B 115 20.29 -30.56 -6.82
CA VAL B 115 20.94 -30.58 -5.51
C VAL B 115 20.09 -31.43 -4.58
N LYS B 116 20.70 -32.47 -4.02
CA LYS B 116 20.00 -33.31 -3.04
C LYS B 116 20.09 -32.61 -1.68
N VAL B 117 18.97 -32.57 -0.95
CA VAL B 117 18.92 -31.79 0.30
C VAL B 117 18.54 -32.70 1.44
N THR B 118 19.28 -32.63 2.53
CA THR B 118 18.92 -33.41 3.71
C THR B 118 17.99 -32.57 4.63
N ILE B 119 18.54 -31.55 5.28
CA ILE B 119 17.73 -30.63 6.09
C ILE B 119 17.11 -29.55 5.22
N GLY B 120 15.78 -29.42 5.24
CA GLY B 120 15.10 -28.38 4.45
C GLY B 120 15.34 -26.96 4.95
N GLY B 121 15.50 -26.04 4.01
CA GLY B 121 15.85 -24.67 4.35
C GLY B 121 14.80 -23.60 4.22
N CYS B 122 13.54 -24.00 4.12
CA CYS B 122 12.47 -23.00 4.08
C CYS B 122 11.52 -23.26 5.24
N ALA C 1 -2.95 15.23 38.19
CA ALA C 1 -2.77 14.04 39.08
C ALA C 1 -1.47 14.17 39.86
N ASP C 2 -1.47 13.60 41.06
CA ASP C 2 -0.27 13.55 41.90
C ASP C 2 0.80 12.61 41.37
N ASP C 3 2.06 13.00 41.63
CA ASP C 3 3.21 12.14 41.49
C ASP C 3 3.39 11.68 40.05
N ALA C 4 3.12 12.59 39.12
CA ALA C 4 3.31 12.26 37.71
C ALA C 4 4.75 12.61 37.35
N LYS C 5 5.65 11.70 37.67
CA LYS C 5 7.09 11.96 37.59
C LYS C 5 7.64 11.45 36.25
N PRO C 6 8.13 12.38 35.38
CA PRO C 6 8.75 11.94 34.12
C PRO C 6 10.11 11.30 34.32
N ARG C 7 10.46 10.36 33.43
CA ARG C 7 11.82 9.84 33.35
C ARG C 7 12.13 9.69 31.87
N VAL C 8 13.15 10.40 31.40
N VAL C 8 13.16 10.39 31.43
CA VAL C 8 13.50 10.35 29.98
CA VAL C 8 13.55 10.37 30.03
C VAL C 8 14.98 10.01 29.80
C VAL C 8 14.97 9.83 29.91
N LYS C 9 15.27 9.15 28.81
CA LYS C 9 16.64 8.74 28.48
C LYS C 9 16.90 9.16 27.05
N VAL C 10 17.90 10.00 26.87
CA VAL C 10 18.30 10.45 25.56
C VAL C 10 19.77 10.86 25.67
N PRO C 11 20.57 10.56 24.66
CA PRO C 11 21.98 10.98 24.68
C PRO C 11 22.13 12.49 24.91
N SER C 12 23.12 12.88 25.69
CA SER C 12 23.34 14.31 25.98
C SER C 12 24.05 15.03 24.83
N SER C 13 24.59 14.27 23.87
CA SER C 13 25.24 14.87 22.70
C SER C 13 25.05 13.99 21.48
N ALA C 14 25.24 14.60 20.30
CA ALA C 14 25.12 13.91 19.02
C ALA C 14 25.99 14.65 17.99
N LYS C 15 26.37 13.95 16.94
CA LYS C 15 26.98 14.57 15.76
C LYS C 15 25.87 15.21 14.95
N ALA C 16 26.15 16.33 14.28
CA ALA C 16 25.12 16.99 13.49
C ALA C 16 24.52 16.02 12.48
N GLY C 17 23.19 15.89 12.50
CA GLY C 17 22.48 15.06 11.58
C GLY C 17 22.27 13.63 12.05
N GLU C 18 22.81 13.29 13.22
CA GLU C 18 22.78 11.93 13.73
C GLU C 18 21.40 11.59 14.28
N THR C 19 21.04 10.32 14.17
CA THR C 19 19.82 9.80 14.76
C THR C 19 20.10 9.41 16.19
N VAL C 20 19.24 9.85 17.11
CA VAL C 20 19.28 9.36 18.48
C VAL C 20 17.94 8.72 18.86
N THR C 21 18.00 7.70 19.72
CA THR C 21 16.80 7.08 20.25
C THR C 21 16.41 7.84 21.51
N VAL C 22 15.12 8.17 21.61
CA VAL C 22 14.57 8.87 22.76
C VAL C 22 13.63 7.89 23.47
N LYS C 23 13.74 7.79 24.79
CA LYS C 23 12.84 6.96 25.59
C LYS C 23 12.20 7.86 26.63
N ALA C 24 10.87 7.82 26.74
CA ALA C 24 10.16 8.73 27.66
C ALA C 24 9.09 7.98 28.42
N LEU C 25 9.16 8.07 29.75
CA LEU C 25 8.21 7.37 30.63
CA LEU C 25 8.31 7.35 30.69
C LEU C 25 7.67 8.42 31.61
N ILE C 26 6.44 8.19 32.09
CA ILE C 26 5.94 9.01 33.19
C ILE C 26 5.14 8.09 34.11
N SER C 27 5.19 8.36 35.41
CA SER C 27 4.37 7.57 36.33
C SER C 27 2.91 8.06 36.31
N HIS C 28 2.00 7.13 36.01
CA HIS C 28 0.57 7.45 35.94
C HIS C 28 -0.25 6.20 35.99
N LYS C 29 -1.31 6.20 36.78
CA LYS C 29 -2.15 5.01 36.92
C LYS C 29 -2.82 4.59 35.63
N MET C 30 -3.15 5.55 34.78
CA MET C 30 -3.87 5.22 33.54
C MET C 30 -5.15 4.42 33.82
N GLU C 31 -5.96 4.86 34.79
CA GLU C 31 -7.18 4.13 35.10
C GLU C 31 -8.03 4.04 33.82
N SER C 32 -8.36 2.81 33.42
CA SER C 32 -8.82 2.64 32.04
C SER C 32 -10.30 2.87 31.80
N GLY C 33 -11.09 2.74 32.85
CA GLY C 33 -12.55 2.75 32.73
C GLY C 33 -13.15 1.37 32.65
N GLN C 34 -12.31 0.35 32.62
CA GLN C 34 -12.76 -1.05 32.51
C GLN C 34 -12.77 -1.78 33.84
N ARG C 35 -12.06 -1.24 34.84
CA ARG C 35 -11.87 -1.95 36.10
C ARG C 35 -13.08 -1.75 37.00
N LYS C 36 -13.47 -2.81 37.70
CA LYS C 36 -14.62 -2.75 38.60
C LYS C 36 -14.16 -2.67 40.04
N ASP C 37 -14.82 -1.82 40.83
CA ASP C 37 -14.53 -1.69 42.27
C ASP C 37 -15.09 -2.87 43.06
N ALA C 38 -15.06 -2.75 44.40
CA ALA C 38 -15.46 -3.83 45.30
C ALA C 38 -16.89 -4.28 45.04
N ASP C 39 -17.76 -3.32 44.78
CA ASP C 39 -19.19 -3.57 44.63
C ASP C 39 -19.58 -3.78 43.17
N GLY C 40 -18.57 -4.01 42.32
CA GLY C 40 -18.77 -4.41 40.93
C GLY C 40 -19.04 -3.26 39.97
N LYS C 41 -18.89 -2.01 40.46
CA LYS C 41 -19.16 -0.83 39.65
C LYS C 41 -17.89 -0.42 38.95
N LEU C 42 -18.01 0.01 37.70
CA LEU C 42 -16.85 0.46 36.93
C LEU C 42 -16.23 1.71 37.54
N ILE C 43 -14.90 1.75 37.52
CA ILE C 43 -14.14 2.87 38.05
C ILE C 43 -13.79 3.74 36.86
N PRO C 44 -14.13 5.03 36.92
CA PRO C 44 -14.01 5.89 35.76
C PRO C 44 -12.59 5.98 35.18
N ARG C 45 -12.55 6.10 33.87
CA ARG C 45 -11.30 6.40 33.18
C ARG C 45 -10.64 7.70 33.66
N SER C 46 -9.31 7.69 33.77
CA SER C 46 -8.59 8.95 33.88
C SER C 46 -7.19 8.65 33.44
N ILE C 47 -6.84 9.04 32.21
CA ILE C 47 -5.54 8.71 31.66
C ILE C 47 -4.81 9.97 31.21
N ILE C 48 -3.52 9.81 30.91
CA ILE C 48 -2.84 10.76 30.01
C ILE C 48 -3.28 10.48 28.58
N ASN C 49 -3.77 11.54 27.91
CA ASN C 49 -4.40 11.35 26.60
C ASN C 49 -3.56 11.84 25.42
N ARG C 50 -2.39 12.41 25.68
CA ARG C 50 -1.54 12.92 24.62
C ARG C 50 -0.15 13.10 25.17
N PHE C 51 0.84 12.77 24.32
CA PHE C 51 2.25 12.97 24.63
C PHE C 51 2.91 13.62 23.42
N THR C 52 3.71 14.66 23.64
CA THR C 52 4.52 15.24 22.56
C THR C 52 5.97 15.31 22.93
N CYS C 53 6.82 15.17 21.92
CA CYS C 53 8.22 15.47 22.06
C CYS C 53 8.64 16.40 20.94
N GLU C 54 9.24 17.53 21.31
CA GLU C 54 9.78 18.48 20.33
C GLU C 54 11.27 18.61 20.52
N LEU C 55 11.99 18.84 19.43
CA LEU C 55 13.41 19.11 19.47
C LEU C 55 13.61 20.50 18.90
N ASN C 56 14.14 21.43 19.72
CA ASN C 56 14.33 22.79 19.25
C ASN C 56 13.05 23.37 18.65
N GLY C 57 11.94 23.05 19.33
CA GLY C 57 10.67 23.62 18.93
C GLY C 57 9.96 22.97 17.76
N VAL C 58 10.55 21.91 17.18
CA VAL C 58 9.98 21.20 16.03
C VAL C 58 9.58 19.79 16.48
N ASN C 59 8.34 19.39 16.15
CA ASN C 59 7.82 18.14 16.65
C ASN C 59 8.63 16.93 16.15
N VAL C 60 8.89 16.02 17.09
CA VAL C 60 9.47 14.70 16.79
C VAL C 60 8.29 13.72 16.68
N VAL C 61 7.47 13.63 17.73
N VAL C 61 7.51 13.55 17.76
CA VAL C 61 6.31 12.75 17.70
CA VAL C 61 6.26 12.79 17.67
C VAL C 61 5.17 13.39 18.54
C VAL C 61 5.16 13.51 18.45
N ASP C 62 3.93 13.17 18.09
CA ASP C 62 2.74 13.66 18.81
C ASP C 62 1.83 12.42 18.85
N VAL C 63 1.58 11.94 20.06
CA VAL C 63 0.88 10.68 20.25
C VAL C 63 -0.47 10.91 20.92
N ALA C 64 -1.53 10.45 20.25
CA ALA C 64 -2.87 10.45 20.85
C ALA C 64 -2.99 9.13 21.61
N ILE C 65 -3.22 9.18 22.94
CA ILE C 65 -3.12 8.00 23.79
C ILE C 65 -4.50 7.60 24.28
N ASP C 66 -4.83 6.31 24.17
CA ASP C 66 -6.09 5.77 24.63
C ASP C 66 -5.89 4.86 25.84
N PRO C 67 -6.97 4.43 26.48
CA PRO C 67 -6.84 3.65 27.71
C PRO C 67 -6.12 2.32 27.62
N ALA C 68 -5.92 1.80 26.42
CA ALA C 68 -5.17 0.55 26.31
C ALA C 68 -3.66 0.75 26.40
N VAL C 69 -3.17 2.00 26.41
CA VAL C 69 -1.75 2.15 26.73
C VAL C 69 -1.54 1.79 28.21
N SER C 70 -0.42 1.14 28.51
CA SER C 70 -0.21 0.61 29.85
C SER C 70 -0.04 1.70 30.91
N THR C 71 -0.26 1.27 32.16
CA THR C 71 0.16 2.04 33.32
C THR C 71 1.59 2.56 33.14
N ASN C 72 1.85 3.79 33.58
CA ASN C 72 3.19 4.40 33.41
C ASN C 72 3.58 4.42 31.94
N PRO C 73 2.88 5.23 31.16
CA PRO C 73 3.07 5.15 29.70
C PRO C 73 4.51 5.39 29.28
N TYR C 74 4.95 4.58 28.32
CA TYR C 74 6.30 4.57 27.82
C TYR C 74 6.27 4.75 26.30
N PHE C 75 7.09 5.67 25.79
CA PHE C 75 7.21 5.82 24.33
C PHE C 75 8.65 5.90 23.96
N GLU C 76 8.99 5.24 22.86
CA GLU C 76 10.35 5.27 22.33
C GLU C 76 10.25 5.53 20.83
N PHE C 77 11.19 6.34 20.32
CA PHE C 77 11.12 6.83 18.94
C PHE C 77 12.46 7.49 18.65
N ASP C 78 12.68 8.00 17.43
CA ASP C 78 14.03 8.39 16.98
C ASP C 78 13.98 9.81 16.44
N ALA C 79 14.92 10.63 16.91
CA ALA C 79 14.98 12.04 16.49
C ALA C 79 16.26 12.26 15.68
N LYS C 80 16.17 13.15 14.70
CA LYS C 80 17.33 13.61 13.94
C LYS C 80 17.84 14.90 14.57
N VAL C 81 19.09 14.88 15.06
CA VAL C 81 19.61 16.01 15.81
C VAL C 81 20.48 16.87 14.92
N ASP C 82 19.92 17.97 14.41
CA ASP C 82 20.66 18.80 13.47
C ASP C 82 21.51 19.87 14.15
N ALA C 83 21.14 20.26 15.38
CA ALA C 83 21.83 21.37 16.07
C ALA C 83 21.59 21.29 17.56
N ALA C 84 22.47 21.93 18.33
CA ALA C 84 22.36 21.94 19.81
C ALA C 84 21.06 22.59 20.27
N GLY C 85 20.57 22.20 21.44
CA GLY C 85 19.41 22.88 22.01
C GLY C 85 18.77 21.99 23.03
N GLU C 86 17.47 21.69 22.86
CA GLU C 86 16.81 20.88 23.87
C GLU C 86 15.61 20.12 23.31
N PHE C 87 15.35 18.97 23.96
CA PHE C 87 14.08 18.28 23.81
C PHE C 87 13.10 18.78 24.85
N LYS C 88 11.86 18.95 24.43
CA LYS C 88 10.78 19.26 25.37
C LYS C 88 9.70 18.21 25.25
N PHE C 89 9.37 17.64 26.42
CA PHE C 89 8.38 16.55 26.52
C PHE C 89 7.17 17.08 27.26
N THR C 90 5.97 16.80 26.72
CA THR C 90 4.73 17.26 27.33
C THR C 90 3.74 16.12 27.38
N TRP C 91 3.13 15.91 28.54
CA TRP C 91 2.05 14.95 28.69
C TRP C 91 0.78 15.66 29.16
N TYR C 92 -0.35 15.32 28.56
CA TYR C 92 -1.62 15.96 28.85
C TYR C 92 -2.52 14.99 29.58
N ASP C 93 -2.93 15.34 30.80
CA ASP C 93 -3.79 14.50 31.60
C ASP C 93 -5.25 14.79 31.31
N ASP C 94 -6.06 13.73 31.29
CA ASP C 94 -7.51 13.90 31.19
C ASP C 94 -8.02 14.94 32.23
N ASP C 95 -7.37 15.00 33.39
CA ASP C 95 -7.87 15.85 34.50
C ASP C 95 -7.49 17.32 34.33
N GLY C 96 -6.84 17.65 33.20
CA GLY C 96 -6.49 19.04 32.91
C GLY C 96 -5.07 19.46 33.25
N SER C 97 -4.38 18.59 33.98
CA SER C 97 -2.99 18.84 34.29
C SER C 97 -2.14 18.67 33.03
N VAL C 98 -1.00 19.34 33.03
CA VAL C 98 0.01 19.22 31.99
C VAL C 98 1.34 18.98 32.68
N TYR C 99 2.06 17.95 32.24
CA TYR C 99 3.37 17.59 32.79
C TYR C 99 4.43 17.85 31.73
N GLU C 100 5.60 18.31 32.16
CA GLU C 100 6.65 18.67 31.22
C GLU C 100 8.02 18.22 31.70
N ASP C 101 8.90 17.98 30.75
CA ASP C 101 10.29 17.64 31.07
C ASP C 101 11.11 18.25 29.93
N VAL C 102 12.28 18.73 30.26
CA VAL C 102 13.21 19.26 29.26
C VAL C 102 14.57 18.57 29.41
N LYS C 103 15.21 18.28 28.28
CA LYS C 103 16.53 17.68 28.29
C LYS C 103 17.43 18.41 27.28
N PRO C 104 18.57 18.94 27.72
CA PRO C 104 19.46 19.62 26.78
C PRO C 104 20.15 18.60 25.89
N ILE C 105 20.52 19.02 24.68
CA ILE C 105 21.39 18.18 23.87
C ILE C 105 22.44 19.05 23.19
N ALA C 106 23.68 18.56 23.25
CA ALA C 106 24.82 19.22 22.65
C ALA C 106 25.16 18.61 21.28
N VAL C 107 25.73 19.39 20.37
CA VAL C 107 26.11 18.83 19.07
C VAL C 107 27.63 18.93 18.77
N ALA C 108 28.13 17.95 18.00
CA ALA C 108 29.49 17.95 17.45
C ALA C 108 29.60 17.12 16.14
N SER D 13 -18.23 -2.74 12.44
CA SER D 13 -17.70 -2.78 13.83
C SER D 13 -17.01 -1.46 14.24
N THR D 14 -16.54 -1.44 15.47
CA THR D 14 -15.80 -0.30 16.00
C THR D 14 -14.45 -0.19 15.30
N VAL D 15 -13.78 -1.31 15.13
CA VAL D 15 -12.51 -1.35 14.40
C VAL D 15 -12.71 -0.83 12.97
N ASP D 16 -13.81 -1.24 12.35
CA ASP D 16 -14.07 -0.82 10.98
C ASP D 16 -14.32 0.68 10.86
N GLU D 17 -15.05 1.27 11.81
CA GLU D 17 -15.26 2.73 11.84
C GLU D 17 -13.95 3.46 11.99
N LEU D 18 -13.12 3.03 12.94
CA LEU D 18 -11.82 3.66 13.16
C LEU D 18 -10.93 3.54 11.94
N THR D 19 -10.94 2.35 11.34
CA THR D 19 -10.10 2.14 10.15
C THR D 19 -10.59 3.05 9.01
N ALA D 20 -11.91 3.08 8.78
CA ALA D 20 -12.47 3.91 7.71
C ALA D 20 -12.21 5.41 7.92
N ALA D 21 -12.24 5.86 9.18
CA ALA D 21 -11.90 7.26 9.45
C ALA D 21 -10.46 7.54 9.04
N PHE D 22 -9.58 6.59 9.36
CA PHE D 22 -8.16 6.77 9.11
C PHE D 22 -7.82 6.67 7.61
N THR D 23 -8.55 5.82 6.88
CA THR D 23 -8.29 5.68 5.42
C THR D 23 -9.11 6.60 4.54
N GLY D 24 -10.03 7.35 5.12
CA GLY D 24 -10.92 8.17 4.31
C GLY D 24 -11.93 7.36 3.51
N GLY D 25 -12.17 6.13 3.95
CA GLY D 25 -13.15 5.27 3.30
C GLY D 25 -12.56 4.26 2.34
N ALA D 26 -11.26 4.39 2.07
CA ALA D 26 -10.57 3.52 1.12
C ALA D 26 -10.17 2.21 1.80
N ALA D 27 -10.01 1.16 1.00
CA ALA D 27 -9.47 -0.09 1.51
C ALA D 27 -8.02 0.15 1.94
N THR D 28 -7.56 -0.61 2.93
CA THR D 28 -6.13 -0.60 3.25
C THR D 28 -5.38 -1.41 2.19
N GLY D 29 -4.07 -1.17 2.14
CA GLY D 29 -3.15 -1.99 1.36
C GLY D 29 -2.20 -2.75 2.28
N GLU D 30 -1.10 -3.21 1.69
CA GLU D 30 -0.15 -4.03 2.42
C GLU D 30 1.26 -3.62 2.08
N GLY D 31 2.18 -3.98 2.97
CA GLY D 31 3.59 -3.81 2.71
C GLY D 31 4.13 -2.52 3.28
N GLY D 32 5.42 -2.55 3.63
N GLY D 32 5.41 -2.49 3.60
CA GLY D 32 6.19 -1.40 4.13
CA GLY D 32 6.04 -1.27 4.06
C GLY D 32 6.26 -1.31 5.65
C GLY D 32 5.69 -0.91 5.49
N LEU D 33 5.28 -1.90 6.30
CA LEU D 33 5.02 -1.69 7.74
C LEU D 33 5.45 -2.91 8.54
N THR D 34 6.28 -2.70 9.56
CA THR D 34 6.71 -3.78 10.44
C THR D 34 6.01 -3.63 11.78
N LEU D 35 5.28 -4.67 12.18
CA LEU D 35 4.62 -4.69 13.48
C LEU D 35 5.26 -5.80 14.30
N THR D 36 5.86 -5.42 15.45
CA THR D 36 6.56 -6.38 16.31
C THR D 36 5.85 -6.50 17.63
N ALA D 37 5.47 -7.72 18.00
CA ALA D 37 4.74 -7.98 19.22
C ALA D 37 5.06 -9.42 19.60
N PRO D 38 5.06 -9.76 20.90
CA PRO D 38 5.43 -11.12 21.30
C PRO D 38 4.42 -12.14 20.79
N GLU D 39 4.89 -13.35 20.52
CA GLU D 39 3.98 -14.43 20.20
C GLU D 39 3.11 -14.75 21.40
N ILE D 40 3.71 -14.75 22.58
CA ILE D 40 2.98 -14.98 23.82
C ILE D 40 3.43 -13.88 24.75
N ALA D 41 2.48 -13.05 25.17
CA ALA D 41 2.81 -11.92 26.03
C ALA D 41 3.10 -12.40 27.41
N GLU D 42 4.21 -11.95 27.99
CA GLU D 42 4.56 -12.28 29.37
C GLU D 42 3.44 -11.86 30.35
N ASN D 43 2.84 -10.68 30.14
CA ASN D 43 1.80 -10.17 31.05
C ASN D 43 0.92 -9.22 30.25
N GLY D 44 -0.38 -9.52 30.16
CA GLY D 44 -1.28 -8.75 29.29
C GLY D 44 -1.49 -7.31 29.75
N ASN D 45 -1.07 -6.97 30.98
CA ASN D 45 -1.12 -5.58 31.41
C ASN D 45 -0.05 -4.73 30.73
N THR D 46 0.99 -5.36 30.20
CA THR D 46 2.13 -4.60 29.73
C THR D 46 2.86 -5.35 28.63
N VAL D 47 2.35 -5.20 27.42
CA VAL D 47 2.83 -5.93 26.27
C VAL D 47 3.64 -4.96 25.37
N PRO D 48 4.94 -5.24 25.13
CA PRO D 48 5.71 -4.36 24.30
C PRO D 48 5.30 -4.48 22.83
N ILE D 49 5.13 -3.33 22.16
CA ILE D 49 4.78 -3.29 20.75
C ILE D 49 5.68 -2.30 20.07
N GLU D 50 6.17 -2.65 18.88
CA GLU D 50 6.88 -1.68 18.06
C GLU D 50 6.28 -1.65 16.67
N VAL D 51 6.15 -0.45 16.11
CA VAL D 51 5.69 -0.27 14.73
C VAL D 51 6.72 0.52 13.96
N LYS D 52 6.92 0.18 12.69
CA LYS D 52 7.86 0.88 11.81
CA LYS D 52 7.83 0.94 11.86
C LYS D 52 7.24 1.00 10.45
N ALA D 53 7.24 2.20 9.87
CA ALA D 53 6.64 2.36 8.54
C ALA D 53 7.28 3.55 7.83
N PRO D 54 8.34 3.31 7.06
CA PRO D 54 9.10 4.40 6.47
C PRO D 54 8.20 5.32 5.66
N GLY D 55 8.33 6.63 5.90
CA GLY D 55 7.57 7.61 5.17
C GLY D 55 6.16 7.83 5.70
N ALA D 56 5.74 7.09 6.74
CA ALA D 56 4.40 7.27 7.26
C ALA D 56 4.26 8.63 7.92
N VAL D 57 3.14 9.28 7.65
CA VAL D 57 2.82 10.49 8.38
C VAL D 57 2.27 10.16 9.76
N ALA D 58 1.64 8.99 9.87
CA ALA D 58 1.01 8.54 11.12
C ALA D 58 0.87 7.04 11.11
N ILE D 59 0.89 6.45 12.31
CA ILE D 59 0.59 5.03 12.47
C ILE D 59 -0.43 4.92 13.60
N MET D 60 -1.53 4.24 13.32
CA MET D 60 -2.56 4.02 14.33
C MET D 60 -2.54 2.54 14.75
N LEU D 61 -2.63 2.32 16.05
CA LEU D 61 -2.56 0.99 16.61
CA LEU D 61 -2.58 0.99 16.64
C LEU D 61 -3.91 0.63 17.22
N LEU D 62 -4.40 -0.57 16.86
CA LEU D 62 -5.67 -1.08 17.34
C LEU D 62 -5.49 -2.45 17.96
N ALA D 63 -6.31 -2.76 18.98
CA ALA D 63 -6.27 -4.09 19.58
C ALA D 63 -7.67 -4.67 19.41
N ALA D 64 -7.82 -5.60 18.46
CA ALA D 64 -9.15 -5.97 17.97
C ALA D 64 -10.02 -6.74 18.96
N GLY D 65 -9.42 -7.31 20.00
CA GLY D 65 -10.14 -8.04 21.04
C GLY D 65 -10.33 -7.29 22.34
N ASN D 66 -9.96 -6.00 22.37
CA ASN D 66 -10.18 -5.18 23.57
C ASN D 66 -11.53 -4.52 23.52
N PRO D 67 -12.12 -4.24 24.68
CA PRO D 67 -13.42 -3.58 24.72
C PRO D 67 -13.44 -2.19 24.06
N GLU D 68 -12.33 -1.46 24.16
CA GLU D 68 -12.16 -0.19 23.49
C GLU D 68 -10.92 -0.36 22.60
N PRO D 69 -11.10 -0.76 21.33
CA PRO D 69 -9.95 -1.22 20.54
C PRO D 69 -8.89 -0.18 20.19
N ALA D 70 -9.21 1.12 20.18
CA ALA D 70 -8.16 2.08 19.82
C ALA D 70 -7.07 2.08 20.89
N VAL D 71 -5.81 2.04 20.47
CA VAL D 71 -4.71 2.04 21.44
C VAL D 71 -3.98 3.37 21.43
N ALA D 72 -3.50 3.81 20.26
CA ALA D 72 -2.77 5.08 20.16
C ALA D 72 -2.63 5.45 18.71
N THR D 73 -2.44 6.73 18.44
CA THR D 73 -2.12 7.22 17.10
C THR D 73 -0.82 8.01 17.21
N PHE D 74 0.21 7.54 16.49
CA PHE D 74 1.52 8.20 16.48
C PHE D 74 1.60 9.09 15.25
N ASN D 75 1.76 10.39 15.45
CA ASN D 75 1.94 11.30 14.34
C ASN D 75 3.40 11.77 14.32
N PHE D 76 4.11 11.50 13.24
CA PHE D 76 5.54 11.80 13.18
C PHE D 76 5.79 13.20 12.66
N GLY D 77 6.59 13.98 13.40
CA GLY D 77 6.87 15.35 13.02
C GLY D 77 8.16 15.44 12.22
N PRO D 78 8.49 16.63 11.78
CA PRO D 78 9.66 16.80 10.91
C PRO D 78 10.99 16.43 11.53
N ALA D 79 11.07 16.46 12.87
CA ALA D 79 12.33 16.17 13.54
C ALA D 79 12.48 14.68 13.83
N ALA D 80 11.49 13.85 13.47
CA ALA D 80 11.68 12.39 13.59
C ALA D 80 12.73 11.94 12.58
N ALA D 81 13.64 11.09 13.01
CA ALA D 81 14.66 10.54 12.10
C ALA D 81 14.12 9.45 11.20
N ASP D 82 13.12 8.75 11.68
CA ASP D 82 12.50 7.65 10.97
C ASP D 82 11.13 7.45 11.63
N GLN D 83 10.35 6.56 11.06
CA GLN D 83 8.95 6.44 11.49
C GLN D 83 8.77 5.15 12.27
N ARG D 84 9.53 5.06 13.35
CA ARG D 84 9.47 3.94 14.31
C ARG D 84 8.91 4.44 15.62
N ALA D 85 8.04 3.66 16.25
CA ALA D 85 7.60 3.97 17.60
C ALA D 85 7.39 2.69 18.39
N ALA D 86 7.74 2.71 19.68
CA ALA D 86 7.47 1.56 20.53
C ALA D 86 6.78 2.03 21.79
N THR D 87 5.91 1.16 22.33
CA THR D 87 5.20 1.47 23.58
C THR D 87 4.86 0.15 24.26
N ARG D 88 4.11 0.21 25.35
CA ARG D 88 3.62 -0.99 26.02
C ARG D 88 2.12 -0.82 26.18
N ILE D 89 1.39 -1.89 25.92
CA ILE D 89 -0.08 -1.82 25.88
C ILE D 89 -0.73 -2.93 26.68
N ARG D 90 -2.03 -2.77 26.90
CA ARG D 90 -2.83 -3.72 27.64
C ARG D 90 -3.66 -4.56 26.67
N LEU D 91 -3.65 -5.89 26.82
CA LEU D 91 -4.48 -6.79 26.01
C LEU D 91 -5.34 -7.60 26.94
N ALA D 92 -6.65 -7.55 26.70
CA ALA D 92 -7.64 -8.19 27.59
C ALA D 92 -7.57 -9.72 27.51
N GLN D 93 -7.14 -10.21 26.35
CA GLN D 93 -7.18 -11.63 26.01
C GLN D 93 -6.40 -11.83 24.72
N THR D 94 -6.16 -13.07 24.36
CA THR D 94 -5.52 -13.39 23.09
C THR D 94 -6.27 -12.74 21.95
N GLN D 95 -5.57 -12.08 21.04
CA GLN D 95 -6.24 -11.31 20.02
C GLN D 95 -5.25 -10.82 18.97
N ASP D 96 -5.80 -10.26 17.90
CA ASP D 96 -4.99 -9.61 16.89
C ASP D 96 -4.77 -8.15 17.21
N VAL D 97 -3.51 -7.75 17.09
CA VAL D 97 -3.11 -6.34 17.16
C VAL D 97 -2.94 -5.88 15.72
N ILE D 98 -3.46 -4.69 15.42
CA ILE D 98 -3.49 -4.15 14.07
C ILE D 98 -2.74 -2.82 14.03
N ALA D 99 -1.85 -2.68 13.06
CA ALA D 99 -1.21 -1.38 12.82
C ALA D 99 -1.63 -0.87 11.45
N LEU D 100 -1.93 0.41 11.38
CA LEU D 100 -2.30 1.09 10.14
C LEU D 100 -1.35 2.24 9.91
N ALA D 101 -0.67 2.28 8.75
CA ALA D 101 0.29 3.34 8.48
C ALA D 101 -0.19 4.18 7.32
N LYS D 102 -0.34 5.47 7.55
CA LYS D 102 -0.80 6.41 6.53
C LYS D 102 0.37 7.11 5.88
N MET D 103 0.41 7.09 4.56
CA MET D 103 1.51 7.68 3.79
C MET D 103 1.18 9.12 3.37
N ALA D 104 2.16 9.81 2.78
CA ALA D 104 1.97 11.21 2.45
C ALA D 104 0.82 11.44 1.45
N ASP D 105 0.52 10.42 0.64
CA ASP D 105 -0.59 10.51 -0.30
C ASP D 105 -1.94 10.08 0.28
N GLY D 106 -1.99 9.77 1.59
CA GLY D 106 -3.24 9.43 2.24
C GLY D 106 -3.56 7.94 2.15
N SER D 107 -2.83 7.18 1.32
CA SER D 107 -3.01 5.73 1.31
C SER D 107 -2.56 5.09 2.63
N VAL D 108 -3.13 3.93 2.97
CA VAL D 108 -2.89 3.32 4.27
C VAL D 108 -2.55 1.87 4.08
N VAL D 109 -1.47 1.44 4.72
CA VAL D 109 -1.14 0.02 4.75
C VAL D 109 -1.45 -0.60 6.13
N LYS D 110 -1.82 -1.88 6.11
CA LYS D 110 -2.20 -2.60 7.33
CA LYS D 110 -2.22 -2.60 7.31
C LYS D 110 -1.30 -3.78 7.56
N ALA D 111 -0.94 -3.96 8.83
CA ALA D 111 -0.26 -5.17 9.30
C ALA D 111 -0.99 -5.65 10.53
N GLN D 112 -0.99 -6.95 10.75
CA GLN D 112 -1.69 -7.54 11.87
C GLN D 112 -0.89 -8.72 12.41
N THR D 113 -0.98 -8.94 13.71
CA THR D 113 -0.33 -10.10 14.32
C THR D 113 -1.12 -10.58 15.53
N THR D 114 -1.05 -11.88 15.79
CA THR D 114 -1.74 -12.43 16.94
C THR D 114 -0.83 -12.43 18.14
N VAL D 115 -1.37 -12.01 19.28
CA VAL D 115 -0.65 -12.11 20.55
C VAL D 115 -1.45 -12.96 21.51
N LYS D 116 -0.85 -14.06 21.97
CA LYS D 116 -1.48 -14.90 22.99
C LYS D 116 -1.25 -14.27 24.35
N VAL D 117 -2.29 -14.27 25.18
CA VAL D 117 -2.24 -13.64 26.48
C VAL D 117 -2.62 -14.65 27.58
N THR D 118 -1.79 -14.75 28.62
CA THR D 118 -2.08 -15.62 29.78
C THR D 118 -2.81 -14.89 30.93
N ILE D 119 -2.37 -13.67 31.24
CA ILE D 119 -3.03 -12.83 32.26
C ILE D 119 -3.60 -11.61 31.53
N GLY D 120 -4.91 -11.46 31.58
CA GLY D 120 -5.57 -10.39 30.84
C GLY D 120 -5.32 -9.05 31.48
N GLY D 121 -5.20 -8.03 30.63
CA GLY D 121 -4.81 -6.70 31.06
C GLY D 121 -5.88 -5.63 31.03
N CYS D 122 -7.14 -6.04 30.85
CA CYS D 122 -8.26 -5.08 30.84
C CYS D 122 -9.34 -5.44 31.85
N ALA E 1 -16.03 -20.66 -24.65
CA ALA E 1 -17.07 -20.19 -23.69
C ALA E 1 -18.30 -19.69 -24.42
N ASP E 2 -19.42 -19.73 -23.71
CA ASP E 2 -20.69 -19.19 -24.18
C ASP E 2 -20.70 -17.68 -24.21
N ASP E 3 -21.48 -17.15 -25.14
CA ASP E 3 -21.81 -15.72 -25.23
C ASP E 3 -20.61 -14.76 -25.23
N ALA E 4 -19.56 -15.11 -25.95
CA ALA E 4 -18.42 -14.21 -26.10
C ALA E 4 -18.63 -13.27 -27.27
N LYS E 5 -19.35 -12.18 -27.04
CA LYS E 5 -19.75 -11.24 -28.09
C LYS E 5 -18.72 -10.14 -28.19
N PRO E 6 -17.99 -10.07 -29.32
CA PRO E 6 -17.05 -8.98 -29.54
C PRO E 6 -17.74 -7.67 -29.92
N ARG E 7 -17.13 -6.56 -29.55
CA ARG E 7 -17.60 -5.26 -29.97
C ARG E 7 -16.34 -4.43 -30.18
N VAL E 8 -16.14 -3.97 -31.41
CA VAL E 8 -15.00 -3.12 -31.73
C VAL E 8 -15.48 -1.76 -32.25
N LYS E 9 -14.68 -0.74 -31.97
CA LYS E 9 -14.94 0.60 -32.49
C LYS E 9 -13.67 1.09 -33.16
N VAL E 10 -13.78 1.35 -34.46
CA VAL E 10 -12.70 1.87 -35.28
C VAL E 10 -13.39 2.71 -36.35
N PRO E 11 -12.76 3.81 -36.80
CA PRO E 11 -13.37 4.57 -37.90
C PRO E 11 -13.47 3.75 -39.18
N SER E 12 -14.54 3.97 -39.94
CA SER E 12 -14.76 3.21 -41.19
C SER E 12 -13.81 3.65 -42.31
N SER E 13 -13.25 4.85 -42.19
CA SER E 13 -12.27 5.37 -43.16
C SER E 13 -11.17 6.20 -42.48
N ALA E 14 -10.03 6.29 -43.16
CA ALA E 14 -8.90 7.08 -42.69
C ALA E 14 -8.07 7.59 -43.88
N LYS E 15 -7.42 8.74 -43.70
CA LYS E 15 -6.44 9.22 -44.68
C LYS E 15 -5.22 8.29 -44.64
N ALA E 16 -4.59 8.11 -45.79
CA ALA E 16 -3.39 7.28 -45.89
C ALA E 16 -2.30 7.79 -44.95
N GLY E 17 -2.02 7.03 -43.90
CA GLY E 17 -1.03 7.41 -42.90
C GLY E 17 -1.62 7.97 -41.61
N GLU E 18 -2.95 8.05 -41.56
CA GLU E 18 -3.67 8.61 -40.41
C GLU E 18 -3.64 7.64 -39.23
N THR E 19 -3.61 8.21 -38.03
CA THR E 19 -3.71 7.45 -36.80
C THR E 19 -5.17 7.29 -36.43
N VAL E 20 -5.56 6.05 -36.14
CA VAL E 20 -6.91 5.83 -35.65
C VAL E 20 -6.84 5.13 -34.31
N THR E 21 -7.72 5.54 -33.42
CA THR E 21 -7.87 4.87 -32.13
C THR E 21 -8.74 3.66 -32.35
N VAL E 22 -8.29 2.53 -31.81
CA VAL E 22 -9.03 1.28 -31.88
C VAL E 22 -9.48 0.89 -30.47
N LYS E 23 -10.74 0.51 -30.32
CA LYS E 23 -11.28 0.05 -29.06
C LYS E 23 -11.87 -1.32 -29.29
N ALA E 24 -11.53 -2.27 -28.43
CA ALA E 24 -11.94 -3.67 -28.60
C ALA E 24 -12.39 -4.28 -27.27
N LEU E 25 -13.63 -4.75 -27.24
CA LEU E 25 -14.26 -5.30 -26.05
C LEU E 25 -14.79 -6.69 -26.39
N ILE E 26 -14.78 -7.59 -25.42
CA ILE E 26 -15.47 -8.85 -25.58
C ILE E 26 -16.12 -9.24 -24.27
N SER E 27 -17.28 -9.90 -24.33
CA SER E 27 -17.92 -10.35 -23.09
C SER E 27 -17.33 -11.67 -22.60
N HIS E 28 -16.86 -11.69 -21.36
CA HIS E 28 -16.24 -12.89 -20.79
C HIS E 28 -16.12 -12.78 -19.27
N LYS E 29 -16.40 -13.88 -18.59
CA LYS E 29 -16.36 -13.95 -17.12
C LYS E 29 -14.97 -13.75 -16.54
N MET E 30 -13.93 -14.16 -17.29
CA MET E 30 -12.55 -14.04 -16.83
C MET E 30 -12.39 -14.62 -15.41
N GLU E 31 -12.89 -15.83 -15.18
CA GLU E 31 -12.79 -16.44 -13.86
C GLU E 31 -11.33 -16.46 -13.47
N SER E 32 -11.03 -15.86 -12.32
CA SER E 32 -9.65 -15.51 -11.99
C SER E 32 -8.78 -16.65 -11.46
N GLY E 33 -9.42 -17.61 -10.80
CA GLY E 33 -8.68 -18.63 -10.05
C GLY E 33 -8.50 -18.25 -8.58
N GLN E 34 -9.07 -17.11 -8.19
CA GLN E 34 -8.94 -16.61 -6.81
C GLN E 34 -10.24 -16.73 -5.99
N ARG E 35 -11.37 -16.97 -6.67
CA ARG E 35 -12.65 -17.18 -5.98
C ARG E 35 -12.74 -18.63 -5.46
N LYS E 36 -13.43 -18.85 -4.35
CA LYS E 36 -13.38 -20.15 -3.65
C LYS E 36 -14.64 -21.01 -3.79
N ILE E 43 -12.51 -21.64 -7.16
CA ILE E 43 -13.06 -21.77 -8.50
C ILE E 43 -11.92 -21.54 -9.51
N PRO E 44 -11.63 -22.56 -10.34
CA PRO E 44 -10.43 -22.56 -11.20
C PRO E 44 -10.41 -21.43 -12.24
N ARG E 45 -9.22 -20.96 -12.56
CA ARG E 45 -9.01 -19.94 -13.59
C ARG E 45 -9.55 -20.40 -14.93
N SER E 46 -10.25 -19.48 -15.62
CA SER E 46 -10.58 -19.70 -17.03
C SER E 46 -10.79 -18.32 -17.65
N ILE E 47 -9.75 -17.83 -18.31
CA ILE E 47 -9.78 -16.47 -18.86
C ILE E 47 -9.47 -16.46 -20.35
N ILE E 48 -9.75 -15.32 -21.00
CA ILE E 48 -9.09 -15.02 -22.26
C ILE E 48 -7.65 -14.63 -21.92
N ASN E 49 -6.71 -15.36 -22.51
CA ASN E 49 -5.31 -15.24 -22.15
C ASN E 49 -4.44 -14.48 -23.17
N ARG E 50 -5.04 -14.12 -24.31
CA ARG E 50 -4.30 -13.38 -25.32
C ARG E 50 -5.29 -12.68 -26.22
N PHE E 51 -4.93 -11.46 -26.63
CA PHE E 51 -5.70 -10.67 -27.59
C PHE E 51 -4.73 -10.09 -28.61
N THR E 52 -5.09 -10.22 -29.90
CA THR E 52 -4.26 -9.61 -30.93
C THR E 52 -5.13 -8.77 -31.86
N CYS E 53 -4.51 -7.73 -32.41
CA CYS E 53 -5.12 -6.97 -33.47
C CYS E 53 -4.09 -6.83 -34.57
N GLU E 54 -4.49 -7.14 -35.81
CA GLU E 54 -3.67 -6.98 -37.00
C GLU E 54 -4.39 -6.06 -37.97
N LEU E 55 -3.61 -5.32 -38.75
CA LEU E 55 -4.17 -4.52 -39.84
C LEU E 55 -3.45 -4.95 -41.11
N ASN E 56 -4.23 -5.44 -42.08
CA ASN E 56 -3.66 -5.96 -43.34
C ASN E 56 -2.49 -6.90 -43.07
N GLY E 57 -2.71 -7.82 -42.13
CA GLY E 57 -1.75 -8.87 -41.79
C GLY E 57 -0.51 -8.46 -41.01
N VAL E 58 -0.46 -7.21 -40.55
CA VAL E 58 0.69 -6.71 -39.81
C VAL E 58 0.21 -6.43 -38.39
N ASN E 59 0.96 -6.92 -37.40
CA ASN E 59 0.50 -6.75 -36.03
C ASN E 59 0.46 -5.32 -35.56
N VAL E 60 -0.66 -4.96 -34.90
CA VAL E 60 -0.78 -3.68 -34.20
C VAL E 60 -0.40 -3.90 -32.73
N VAL E 61 -1.15 -4.75 -32.03
CA VAL E 61 -0.80 -5.12 -30.65
C VAL E 61 -1.02 -6.62 -30.43
N ASP E 62 -0.26 -7.18 -29.49
CA ASP E 62 -0.38 -8.58 -29.10
C ASP E 62 -0.27 -8.53 -27.59
N VAL E 63 -1.38 -8.83 -26.91
CA VAL E 63 -1.46 -8.61 -25.46
C VAL E 63 -1.54 -9.97 -24.78
N ALA E 64 -0.58 -10.24 -23.89
CA ALA E 64 -0.62 -11.42 -23.02
C ALA E 64 -1.44 -11.03 -21.81
N ILE E 65 -2.46 -11.84 -21.49
CA ILE E 65 -3.44 -11.42 -20.50
C ILE E 65 -3.40 -12.37 -19.33
N ASP E 66 -3.29 -11.81 -18.12
CA ASP E 66 -3.33 -12.59 -16.89
CA ASP E 66 -3.37 -12.63 -16.92
C ASP E 66 -4.69 -12.37 -16.19
N PRO E 67 -4.99 -13.18 -15.17
CA PRO E 67 -6.30 -13.07 -14.55
C PRO E 67 -6.67 -11.78 -13.85
N ALA E 68 -5.73 -10.84 -13.70
CA ALA E 68 -6.09 -9.54 -13.16
C ALA E 68 -6.70 -8.57 -14.16
N VAL E 69 -6.79 -8.94 -15.45
CA VAL E 69 -7.56 -8.12 -16.37
C VAL E 69 -9.04 -8.33 -16.03
N SER E 70 -9.83 -7.26 -16.17
CA SER E 70 -11.24 -7.28 -15.73
C SER E 70 -12.13 -8.21 -16.54
N THR E 71 -13.24 -8.59 -15.93
CA THR E 71 -14.38 -9.16 -16.64
C THR E 71 -14.70 -8.30 -17.85
N ASN E 72 -15.10 -8.94 -18.95
CA ASN E 72 -15.34 -8.27 -20.23
C ASN E 72 -14.12 -7.44 -20.62
N PRO E 73 -13.03 -8.12 -20.93
CA PRO E 73 -11.77 -7.39 -21.21
C PRO E 73 -11.87 -6.35 -22.32
N TYR E 74 -11.23 -5.20 -22.08
CA TYR E 74 -11.28 -4.03 -22.94
C TYR E 74 -9.85 -3.60 -23.26
N PHE E 75 -9.56 -3.38 -24.54
CA PHE E 75 -8.24 -2.85 -24.94
C PHE E 75 -8.41 -1.70 -25.91
N GLU E 76 -7.63 -0.65 -25.68
CA GLU E 76 -7.61 0.53 -26.52
C GLU E 76 -6.17 0.86 -26.88
N PHE E 77 -5.94 1.24 -28.14
CA PHE E 77 -4.59 1.42 -28.68
C PHE E 77 -4.74 2.11 -30.05
N ASP E 78 -3.61 2.43 -30.70
CA ASP E 78 -3.64 3.29 -31.89
C ASP E 78 -2.94 2.60 -33.04
N ALA E 79 -3.61 2.55 -34.21
CA ALA E 79 -3.04 1.90 -35.39
C ALA E 79 -2.73 2.95 -36.45
N LYS E 80 -1.67 2.71 -37.21
CA LYS E 80 -1.36 3.57 -38.34
C LYS E 80 -1.92 2.94 -39.62
N VAL E 81 -2.79 3.67 -40.30
CA VAL E 81 -3.49 3.14 -41.47
C VAL E 81 -2.81 3.66 -42.74
N ASP E 82 -2.04 2.80 -43.40
CA ASP E 82 -1.33 3.19 -44.61
C ASP E 82 -2.15 2.91 -45.87
N ALA E 83 -2.97 1.87 -45.83
CA ALA E 83 -3.76 1.45 -46.98
C ALA E 83 -5.11 0.86 -46.57
N ALA E 84 -6.06 0.88 -47.50
CA ALA E 84 -7.36 0.25 -47.28
C ALA E 84 -7.17 -1.24 -47.02
N GLY E 85 -8.14 -1.85 -46.35
CA GLY E 85 -8.06 -3.28 -46.03
C GLY E 85 -8.90 -3.61 -44.82
N GLU E 86 -8.37 -4.43 -43.92
CA GLU E 86 -9.15 -4.82 -42.75
C GLU E 86 -8.32 -5.01 -41.49
N PHE E 87 -8.97 -4.70 -40.38
CA PHE E 87 -8.50 -5.13 -39.06
C PHE E 87 -9.02 -6.52 -38.78
N LYS E 88 -8.15 -7.34 -38.17
CA LYS E 88 -8.57 -8.62 -37.63
C LYS E 88 -8.24 -8.65 -36.15
N PHE E 89 -9.26 -8.90 -35.33
CA PHE E 89 -9.13 -8.97 -33.87
C PHE E 89 -9.32 -10.43 -33.48
N THR E 90 -8.44 -10.93 -32.62
CA THR E 90 -8.51 -12.32 -32.17
C THR E 90 -8.33 -12.39 -30.66
N TRP E 91 -9.20 -13.17 -30.01
CA TRP E 91 -9.11 -13.44 -28.58
C TRP E 91 -9.01 -14.94 -28.37
N TYR E 92 -8.11 -15.35 -27.49
CA TYR E 92 -7.83 -16.77 -27.24
C TYR E 92 -8.23 -17.12 -25.83
N ASP E 93 -9.10 -18.13 -25.70
CA ASP E 93 -9.64 -18.57 -24.42
C ASP E 93 -8.82 -19.70 -23.85
N ASP E 94 -8.61 -19.68 -22.53
CA ASP E 94 -8.06 -20.83 -21.81
C ASP E 94 -8.75 -22.15 -22.19
N ASP E 95 -10.04 -22.09 -22.48
CA ASP E 95 -10.82 -23.32 -22.72
C ASP E 95 -10.66 -23.83 -24.15
N GLY E 96 -9.79 -23.17 -24.91
CA GLY E 96 -9.48 -23.63 -26.28
C GLY E 96 -10.19 -22.84 -27.36
N SER E 97 -11.21 -22.07 -26.96
CA SER E 97 -11.98 -21.31 -27.92
C SER E 97 -11.15 -20.19 -28.53
N VAL E 98 -11.58 -19.77 -29.72
CA VAL E 98 -10.95 -18.65 -30.42
C VAL E 98 -12.08 -17.79 -30.95
N TYR E 99 -11.99 -16.47 -30.69
CA TYR E 99 -13.03 -15.53 -31.11
C TYR E 99 -12.42 -14.48 -32.03
N GLU E 100 -13.01 -14.26 -33.19
CA GLU E 100 -12.42 -13.35 -34.17
C GLU E 100 -13.44 -12.37 -34.67
N ASP E 101 -12.97 -11.17 -35.01
CA ASP E 101 -13.84 -10.09 -35.50
C ASP E 101 -13.05 -9.38 -36.57
N VAL E 102 -13.68 -9.16 -37.73
CA VAL E 102 -13.02 -8.49 -38.85
C VAL E 102 -13.74 -7.18 -39.12
N LYS E 103 -12.98 -6.10 -39.33
CA LYS E 103 -13.61 -4.82 -39.65
C LYS E 103 -12.82 -4.12 -40.75
N PRO E 104 -13.49 -3.75 -41.85
CA PRO E 104 -12.80 -3.09 -42.95
C PRO E 104 -12.52 -1.62 -42.65
N ILE E 105 -11.49 -1.08 -43.28
CA ILE E 105 -11.27 0.37 -43.26
C ILE E 105 -10.96 0.87 -44.66
N ALA E 106 -11.68 1.91 -45.07
CA ALA E 106 -11.49 2.51 -46.40
C ALA E 106 -10.50 3.67 -46.36
N VAL E 107 -9.81 3.91 -47.48
CA VAL E 107 -8.95 5.10 -47.61
C VAL E 107 -9.68 6.25 -48.29
N GLY F 11 3.46 -22.24 -6.84
CA GLY F 11 4.62 -21.32 -6.66
C GLY F 11 4.16 -19.87 -6.60
N SER F 12 4.86 -19.06 -5.80
CA SER F 12 4.53 -17.66 -5.68
C SER F 12 5.67 -16.79 -6.22
N SER F 13 5.31 -15.60 -6.67
CA SER F 13 6.28 -14.59 -7.05
C SER F 13 5.81 -13.19 -6.65
N THR F 14 6.76 -12.26 -6.64
CA THR F 14 6.50 -10.89 -6.24
C THR F 14 6.71 -9.91 -7.38
N VAL F 15 6.19 -8.69 -7.23
CA VAL F 15 6.48 -7.64 -8.21
C VAL F 15 7.98 -7.40 -8.36
N ASP F 16 8.72 -7.45 -7.24
CA ASP F 16 10.18 -7.24 -7.32
C ASP F 16 10.82 -8.32 -8.16
N GLU F 17 10.36 -9.56 -7.99
CA GLU F 17 10.96 -10.67 -8.76
C GLU F 17 10.65 -10.58 -10.24
N LEU F 18 9.43 -10.24 -10.58
CA LEU F 18 9.10 -10.08 -12.00
C LEU F 18 9.79 -8.85 -12.58
N THR F 19 9.92 -7.79 -11.79
CA THR F 19 10.65 -6.60 -12.25
C THR F 19 12.11 -6.96 -12.50
N ALA F 20 12.75 -7.66 -11.55
CA ALA F 20 14.15 -8.04 -11.71
C ALA F 20 14.34 -8.90 -12.94
N ALA F 21 13.41 -9.83 -13.18
CA ALA F 21 13.47 -10.69 -14.37
C ALA F 21 13.37 -9.86 -15.65
N PHE F 22 12.32 -9.05 -15.72
CA PHE F 22 12.08 -8.25 -16.92
C PHE F 22 13.22 -7.27 -17.23
N THR F 23 13.78 -6.66 -16.17
N THR F 23 13.75 -6.63 -16.20
CA THR F 23 14.84 -5.65 -16.26
CA THR F 23 14.82 -5.68 -16.41
C THR F 23 16.23 -6.26 -16.13
C THR F 23 16.06 -6.50 -16.77
N GLY F 24 16.27 -7.58 -16.00
N GLY F 24 16.30 -7.51 -15.95
CA GLY F 24 17.45 -8.32 -15.61
CA GLY F 24 17.45 -8.41 -16.01
C GLY F 24 18.67 -7.51 -15.33
C GLY F 24 18.68 -7.70 -15.49
N GLY F 25 19.19 -6.87 -16.36
CA GLY F 25 20.42 -6.15 -16.21
C GLY F 25 20.52 -5.11 -17.28
N ALA F 26 19.35 -4.78 -17.84
CA ALA F 26 19.23 -3.88 -18.97
C ALA F 26 19.65 -2.49 -18.58
N ALA F 27 20.25 -1.78 -19.54
CA ALA F 27 20.53 -0.38 -19.37
C ALA F 27 19.25 0.26 -18.84
N THR F 28 19.34 0.86 -17.67
CA THR F 28 18.23 1.67 -17.19
C THR F 28 17.97 2.68 -18.32
N GLY F 29 16.86 2.49 -19.01
CA GLY F 29 16.48 3.32 -20.16
C GLY F 29 16.47 4.79 -19.83
N GLU F 30 16.53 5.61 -20.86
CA GLU F 30 16.68 7.06 -20.70
C GLU F 30 15.34 7.71 -20.32
N GLY F 31 14.26 6.93 -20.33
CA GLY F 31 12.98 7.41 -19.85
C GLY F 31 11.91 7.39 -20.91
N GLY F 32 10.77 7.99 -20.57
CA GLY F 32 9.61 8.00 -21.43
C GLY F 32 8.66 6.84 -21.16
N LEU F 33 8.07 6.81 -19.96
CA LEU F 33 6.93 5.93 -19.64
C LEU F 33 6.02 6.62 -18.64
N THR F 34 4.72 6.70 -18.96
CA THR F 34 3.72 7.15 -18.01
C THR F 34 2.65 6.09 -17.79
N LEU F 35 2.14 6.08 -16.57
CA LEU F 35 1.13 5.15 -16.11
C LEU F 35 0.08 5.97 -15.44
N THR F 36 -1.13 5.97 -15.96
CA THR F 36 -2.21 6.72 -15.33
C THR F 36 -3.36 5.84 -14.87
N ALA F 37 -3.93 6.20 -13.73
CA ALA F 37 -5.03 5.46 -13.11
C ALA F 37 -5.79 6.46 -12.25
N PRO F 38 -7.00 6.09 -11.81
CA PRO F 38 -7.75 6.96 -10.90
C PRO F 38 -7.00 7.10 -9.59
N GLU F 39 -7.11 8.25 -8.95
CA GLU F 39 -6.56 8.43 -7.62
C GLU F 39 -7.30 7.48 -6.66
N ILE F 40 -8.63 7.45 -6.79
CA ILE F 40 -9.44 6.46 -6.09
C ILE F 40 -10.37 5.80 -7.10
N ALA F 41 -10.28 4.48 -7.15
CA ALA F 41 -11.17 3.69 -7.97
C ALA F 41 -12.29 3.18 -7.07
N GLU F 42 -13.51 3.56 -7.41
CA GLU F 42 -14.67 3.07 -6.67
C GLU F 42 -14.76 1.56 -6.74
N ASN F 43 -14.60 1.01 -7.94
CA ASN F 43 -14.81 -0.40 -8.15
C ASN F 43 -13.49 -1.07 -8.50
N GLY F 44 -12.91 -1.73 -7.51
CA GLY F 44 -11.64 -2.42 -7.68
C GLY F 44 -11.70 -3.52 -8.70
N ASN F 45 -12.90 -3.96 -9.07
CA ASN F 45 -13.08 -4.98 -10.12
C ASN F 45 -12.80 -4.45 -11.52
N THR F 46 -12.86 -3.14 -11.70
CA THR F 46 -12.74 -2.53 -13.01
C THR F 46 -12.07 -1.18 -12.89
N VAL F 47 -10.75 -1.20 -12.85
CA VAL F 47 -9.94 0.01 -12.69
C VAL F 47 -9.29 0.35 -14.04
N PRO F 48 -9.64 1.52 -14.60
CA PRO F 48 -9.05 1.93 -15.87
C PRO F 48 -7.60 2.35 -15.71
N ILE F 49 -6.73 1.83 -16.58
CA ILE F 49 -5.30 2.10 -16.58
C ILE F 49 -4.88 2.45 -18.00
N GLU F 50 -4.00 3.43 -18.14
CA GLU F 50 -3.40 3.74 -19.43
C GLU F 50 -1.88 3.83 -19.30
N VAL F 51 -1.17 3.16 -20.18
CA VAL F 51 0.29 3.25 -20.27
C VAL F 51 0.69 3.91 -21.58
N LYS F 52 1.78 4.66 -21.57
CA LYS F 52 2.33 5.27 -22.78
C LYS F 52 3.84 5.21 -22.64
N ALA F 53 4.53 4.60 -23.60
CA ALA F 53 6.00 4.54 -23.56
C ALA F 53 6.53 4.56 -24.96
N PRO F 54 6.71 5.76 -25.54
CA PRO F 54 7.19 5.87 -26.93
C PRO F 54 8.43 5.00 -27.19
N GLY F 55 8.42 4.20 -28.24
CA GLY F 55 9.51 3.28 -28.56
C GLY F 55 9.48 1.89 -27.95
N ALA F 56 8.56 1.65 -26.99
CA ALA F 56 8.53 0.37 -26.32
C ALA F 56 8.19 -0.72 -27.31
N VAL F 57 8.87 -1.85 -27.21
CA VAL F 57 8.41 -3.05 -27.91
C VAL F 57 7.40 -3.82 -27.03
N ALA F 58 7.52 -3.66 -25.72
CA ALA F 58 6.65 -4.33 -24.76
C ALA F 58 6.52 -3.49 -23.49
N ILE F 59 5.31 -3.45 -22.93
CA ILE F 59 5.11 -2.86 -21.61
C ILE F 59 4.42 -3.89 -20.74
N MET F 60 5.07 -4.25 -19.63
CA MET F 60 4.52 -5.19 -18.66
C MET F 60 3.87 -4.41 -17.52
N LEU F 61 2.66 -4.83 -17.18
CA LEU F 61 1.88 -4.24 -16.08
C LEU F 61 1.86 -5.22 -14.93
N LEU F 62 2.14 -4.71 -13.73
CA LEU F 62 2.17 -5.51 -12.50
C LEU F 62 1.36 -4.86 -11.39
N ALA F 63 0.86 -5.66 -10.47
CA ALA F 63 0.00 -5.13 -9.40
C ALA F 63 0.58 -5.60 -8.08
N ALA F 64 1.07 -4.65 -7.27
CA ALA F 64 1.87 -4.97 -6.10
C ALA F 64 1.10 -5.49 -4.89
N GLY F 65 -0.23 -5.34 -4.91
CA GLY F 65 -1.08 -5.75 -3.82
C GLY F 65 -2.05 -6.89 -4.15
N ASN F 66 -1.92 -7.47 -5.34
CA ASN F 66 -2.77 -8.59 -5.70
C ASN F 66 -2.15 -9.92 -5.28
N PRO F 67 -2.97 -10.98 -5.17
CA PRO F 67 -2.44 -12.31 -4.82
C PRO F 67 -1.25 -12.73 -5.69
N GLU F 68 -1.33 -12.45 -6.99
CA GLU F 68 -0.23 -12.66 -7.92
C GLU F 68 0.09 -11.33 -8.56
N PRO F 69 1.35 -11.11 -8.94
CA PRO F 69 1.71 -9.82 -9.50
C PRO F 69 1.36 -9.55 -10.95
N ALA F 70 1.24 -10.58 -11.79
CA ALA F 70 1.08 -10.36 -13.21
C ALA F 70 -0.28 -9.75 -13.54
N VAL F 71 -0.31 -8.88 -14.55
CA VAL F 71 -1.57 -8.29 -15.03
C VAL F 71 -1.71 -8.50 -16.53
N ALA F 72 -0.80 -7.89 -17.29
CA ALA F 72 -0.79 -8.07 -18.76
C ALA F 72 0.55 -7.61 -19.29
N THR F 73 0.87 -8.02 -20.51
CA THR F 73 2.00 -7.46 -21.23
C THR F 73 1.49 -7.03 -22.59
N PHE F 74 1.69 -5.76 -22.93
CA PHE F 74 1.31 -5.23 -24.23
C PHE F 74 2.53 -5.26 -25.10
N ASN F 75 2.44 -6.01 -26.20
CA ASN F 75 3.49 -6.03 -27.21
C ASN F 75 3.01 -5.19 -28.37
N PHE F 76 3.86 -4.30 -28.86
CA PHE F 76 3.48 -3.39 -29.96
C PHE F 76 4.16 -3.85 -31.23
N GLY F 77 3.37 -4.01 -32.28
CA GLY F 77 3.89 -4.46 -33.58
C GLY F 77 4.09 -3.29 -34.54
N PRO F 78 4.47 -3.61 -35.78
CA PRO F 78 4.82 -2.57 -36.75
C PRO F 78 3.69 -1.65 -37.16
N ALA F 79 2.44 -2.09 -37.01
CA ALA F 79 1.30 -1.26 -37.41
C ALA F 79 0.74 -0.38 -36.30
N ALA F 80 1.34 -0.46 -35.11
CA ALA F 80 0.95 0.46 -34.03
C ALA F 80 1.41 1.87 -34.40
N ALA F 81 0.53 2.86 -34.24
CA ALA F 81 0.89 4.28 -34.53
C ALA F 81 1.74 4.89 -33.42
N ASP F 82 1.54 4.37 -32.21
CA ASP F 82 2.28 4.79 -31.04
C ASP F 82 2.17 3.67 -29.98
N GLN F 83 2.83 3.87 -28.85
CA GLN F 83 2.92 2.83 -27.82
C GLN F 83 2.11 3.22 -26.59
N ARG F 84 0.86 3.62 -26.85
CA ARG F 84 -0.17 3.84 -25.86
C ARG F 84 -1.10 2.63 -25.80
N ALA F 85 -1.46 2.23 -24.58
CA ALA F 85 -2.47 1.18 -24.41
C ALA F 85 -3.29 1.40 -23.16
N ALA F 86 -4.59 1.15 -23.25
CA ALA F 86 -5.47 1.27 -22.09
C ALA F 86 -6.29 0.01 -21.90
N THR F 87 -6.54 -0.34 -20.66
CA THR F 87 -7.36 -1.50 -20.32
C THR F 87 -8.04 -1.24 -18.98
N ARG F 88 -8.73 -2.24 -18.46
CA ARG F 88 -9.32 -2.17 -17.13
C ARG F 88 -8.88 -3.41 -16.36
N ILE F 89 -8.48 -3.21 -15.10
CA ILE F 89 -7.89 -4.29 -14.33
C ILE F 89 -8.57 -4.42 -12.95
N ARG F 90 -8.27 -5.54 -12.31
CA ARG F 90 -8.78 -5.87 -11.00
C ARG F 90 -7.71 -5.58 -9.95
N LEU F 91 -8.06 -4.79 -8.94
CA LEU F 91 -7.16 -4.53 -7.80
C LEU F 91 -7.85 -5.01 -6.53
N ALA F 92 -7.20 -5.94 -5.81
CA ALA F 92 -7.83 -6.58 -4.66
C ALA F 92 -7.92 -5.65 -3.44
N GLN F 93 -7.06 -4.62 -3.43
CA GLN F 93 -6.91 -3.68 -2.31
C GLN F 93 -6.17 -2.47 -2.85
N THR F 94 -6.11 -1.40 -2.05
CA THR F 94 -5.31 -0.25 -2.39
C THR F 94 -3.86 -0.69 -2.57
N GLN F 95 -3.21 -0.22 -3.64
CA GLN F 95 -1.87 -0.72 -3.95
C GLN F 95 -1.21 0.08 -5.06
N ASP F 96 0.07 -0.19 -5.27
N ASP F 96 0.09 -0.16 -5.24
CA ASP F 96 0.80 0.39 -6.37
CA ASP F 96 0.80 0.39 -6.39
C ASP F 96 0.68 -0.49 -7.61
C ASP F 96 0.61 -0.50 -7.61
N VAL F 97 0.47 0.14 -8.76
CA VAL F 97 0.47 -0.55 -10.04
C VAL F 97 1.79 -0.14 -10.66
N ILE F 98 2.48 -1.09 -11.28
CA ILE F 98 3.83 -0.87 -11.81
C ILE F 98 3.75 -1.12 -13.32
N ALA F 99 4.39 -0.26 -14.10
CA ALA F 99 4.58 -0.51 -15.54
C ALA F 99 6.07 -0.56 -15.85
N LEU F 100 6.47 -1.51 -16.69
CA LEU F 100 7.85 -1.64 -17.14
C LEU F 100 7.87 -1.63 -18.66
N ALA F 101 8.67 -0.75 -19.27
CA ALA F 101 8.67 -0.67 -20.74
C ALA F 101 10.04 -1.06 -21.25
N LYS F 102 10.09 -1.96 -22.22
CA LYS F 102 11.35 -2.44 -22.79
C LYS F 102 11.42 -1.91 -24.20
N MET F 103 12.52 -1.23 -24.50
CA MET F 103 12.67 -0.58 -25.80
CA MET F 103 12.73 -0.55 -25.77
C MET F 103 13.43 -1.48 -26.76
N ALA F 104 13.48 -1.06 -28.02
CA ALA F 104 14.12 -1.82 -29.10
C ALA F 104 15.58 -2.16 -28.77
N ASP F 105 16.28 -1.24 -28.12
CA ASP F 105 17.68 -1.47 -27.76
C ASP F 105 17.85 -2.30 -26.48
N GLY F 106 16.75 -2.76 -25.91
CA GLY F 106 16.78 -3.63 -24.75
C GLY F 106 16.74 -2.88 -23.43
N SER F 107 16.86 -1.56 -23.47
CA SER F 107 16.79 -0.78 -22.23
C SER F 107 15.36 -0.84 -21.66
N VAL F 108 15.24 -0.65 -20.36
CA VAL F 108 13.96 -0.74 -19.66
C VAL F 108 13.78 0.46 -18.75
N VAL F 109 12.57 1.02 -18.78
CA VAL F 109 12.19 2.04 -17.83
C VAL F 109 10.98 1.59 -17.02
N LYS F 110 10.83 2.19 -15.85
CA LYS F 110 9.79 1.83 -14.90
C LYS F 110 8.97 3.05 -14.46
N ALA F 111 7.69 2.79 -14.24
CA ALA F 111 6.79 3.77 -13.59
C ALA F 111 5.91 3.07 -12.56
N GLN F 112 5.42 3.83 -11.58
CA GLN F 112 4.62 3.25 -10.48
C GLN F 112 3.59 4.30 -10.10
N THR F 113 2.36 3.86 -9.82
CA THR F 113 1.27 4.73 -9.46
CA THR F 113 1.32 4.76 -9.35
C THR F 113 0.45 4.09 -8.33
N THR F 114 0.13 4.83 -7.28
CA THR F 114 -0.68 4.29 -6.20
C THR F 114 -2.15 4.47 -6.52
N VAL F 115 -2.92 3.40 -6.38
CA VAL F 115 -4.37 3.49 -6.63
C VAL F 115 -5.08 3.11 -5.35
N LYS F 116 -5.87 4.04 -4.83
CA LYS F 116 -6.77 3.72 -3.76
C LYS F 116 -7.99 3.04 -4.33
N VAL F 117 -8.46 2.05 -3.60
CA VAL F 117 -9.65 1.33 -3.99
C VAL F 117 -10.69 1.47 -2.87
N THR F 118 -11.94 1.73 -3.24
CA THR F 118 -12.99 1.69 -2.23
C THR F 118 -13.36 0.24 -1.98
N ILE F 119 -13.80 -0.47 -3.03
CA ILE F 119 -14.25 -1.85 -2.92
C ILE F 119 -13.26 -2.76 -3.65
N GLY F 120 -12.46 -3.51 -2.89
CA GLY F 120 -11.49 -4.45 -3.48
C GLY F 120 -12.13 -5.47 -4.39
N GLY F 121 -11.46 -5.75 -5.51
CA GLY F 121 -11.96 -6.71 -6.48
C GLY F 121 -11.29 -8.04 -6.30
N ASP G 3 -38.44 -2.13 3.52
CA ASP G 3 -39.43 -1.32 2.75
C ASP G 3 -38.77 -0.06 2.17
N ALA G 4 -37.58 -0.26 1.59
CA ALA G 4 -36.72 0.86 1.18
C ALA G 4 -37.22 1.50 -0.10
N LYS G 5 -37.73 2.71 0.03
CA LYS G 5 -38.32 3.45 -1.09
C LYS G 5 -37.41 4.65 -1.41
N PRO G 6 -36.49 4.48 -2.38
CA PRO G 6 -35.58 5.56 -2.79
C PRO G 6 -36.34 6.70 -3.44
N ARG G 7 -36.17 7.89 -2.87
CA ARG G 7 -36.84 9.09 -3.33
C ARG G 7 -35.84 10.24 -3.45
N VAL G 8 -35.72 10.81 -4.64
CA VAL G 8 -34.81 11.94 -4.86
C VAL G 8 -35.52 13.17 -5.44
N LYS G 9 -35.12 14.35 -4.96
CA LYS G 9 -35.56 15.63 -5.54
C LYS G 9 -34.38 16.37 -6.14
N VAL G 10 -34.42 16.53 -7.47
CA VAL G 10 -33.36 17.20 -8.20
C VAL G 10 -34.02 17.77 -9.46
N PRO G 11 -33.79 19.06 -9.75
CA PRO G 11 -34.34 19.69 -10.96
C PRO G 11 -34.18 18.86 -12.22
N SER G 12 -35.18 18.89 -13.10
CA SER G 12 -35.16 18.08 -14.32
C SER G 12 -34.16 18.66 -15.32
N SER G 13 -33.90 19.95 -15.18
CA SER G 13 -33.00 20.67 -16.07
C SER G 13 -32.24 21.77 -15.34
N ALA G 14 -31.11 22.17 -15.93
CA ALA G 14 -30.29 23.25 -15.41
C ALA G 14 -29.62 23.97 -16.58
N LYS G 15 -29.19 25.22 -16.35
CA LYS G 15 -28.28 25.90 -17.28
C LYS G 15 -26.87 25.35 -17.05
N ALA G 16 -26.09 25.26 -18.13
CA ALA G 16 -24.76 24.64 -18.07
C ALA G 16 -23.84 25.41 -17.13
N GLY G 17 -23.23 24.68 -16.21
CA GLY G 17 -22.35 25.26 -15.22
C GLY G 17 -23.05 25.70 -13.94
N GLU G 18 -24.37 25.52 -13.85
CA GLU G 18 -25.08 25.97 -12.66
C GLU G 18 -24.98 24.95 -11.54
N THR G 19 -25.20 25.42 -10.31
CA THR G 19 -25.24 24.58 -9.12
C THR G 19 -26.67 24.12 -8.87
N VAL G 20 -26.85 22.82 -8.71
CA VAL G 20 -28.16 22.27 -8.37
C VAL G 20 -28.11 21.64 -6.98
N THR G 21 -29.12 21.92 -6.16
CA THR G 21 -29.27 21.27 -4.87
C THR G 21 -30.00 19.93 -5.06
N VAL G 22 -29.40 18.89 -4.48
CA VAL G 22 -29.94 17.54 -4.57
C VAL G 22 -30.40 17.10 -3.19
N LYS G 23 -31.59 16.53 -3.10
CA LYS G 23 -32.09 15.98 -1.85
C LYS G 23 -32.41 14.52 -2.05
N ALA G 24 -31.88 13.66 -1.18
CA ALA G 24 -32.05 12.23 -1.32
C ALA G 24 -32.55 11.63 0.00
N LEU G 25 -33.67 10.92 -0.10
CA LEU G 25 -34.36 10.34 1.05
C LEU G 25 -34.60 8.86 0.79
N ILE G 26 -34.56 8.07 1.84
CA ILE G 26 -34.98 6.68 1.73
C ILE G 26 -35.65 6.24 3.02
N SER G 27 -36.62 5.33 2.94
CA SER G 27 -37.27 4.80 4.14
C SER G 27 -36.46 3.61 4.66
N HIS G 28 -36.09 3.66 5.94
CA HIS G 28 -35.31 2.59 6.53
C HIS G 28 -35.32 2.75 8.04
N LYS G 29 -35.52 1.63 8.73
CA LYS G 29 -35.57 1.61 10.20
C LYS G 29 -34.29 2.14 10.86
N MET G 30 -33.15 1.86 10.26
CA MET G 30 -31.84 2.25 10.82
C MET G 30 -31.68 1.76 12.26
N GLU G 31 -31.96 0.47 12.48
CA GLU G 31 -31.81 -0.14 13.80
C GLU G 31 -30.38 0.05 14.28
N SER G 32 -30.22 0.77 15.39
CA SER G 32 -28.93 1.32 15.80
C SER G 32 -27.95 0.30 16.37
N GLY G 33 -28.46 -0.77 16.98
CA GLY G 33 -27.62 -1.65 17.79
C GLY G 33 -27.67 -1.17 19.24
N GLN G 34 -28.41 -0.09 19.46
CA GLN G 34 -28.63 0.56 20.75
C GLN G 34 -27.36 1.17 21.33
N LEU G 42 -29.19 -4.93 22.93
CA LEU G 42 -29.72 -6.28 22.75
C LEU G 42 -30.08 -6.56 21.29
N ILE G 43 -30.67 -5.54 20.63
CA ILE G 43 -31.18 -5.69 19.27
C ILE G 43 -30.11 -5.26 18.25
N PRO G 44 -29.64 -6.21 17.42
CA PRO G 44 -28.47 -6.00 16.57
C PRO G 44 -28.67 -4.85 15.60
N ARG G 45 -27.60 -4.08 15.41
CA ARG G 45 -27.58 -3.04 14.39
C ARG G 45 -27.94 -3.58 13.00
N SER G 46 -28.73 -2.81 12.26
CA SER G 46 -28.98 -3.07 10.83
C SER G 46 -29.33 -1.74 10.16
N ILE G 47 -28.34 -1.10 9.55
CA ILE G 47 -28.54 0.22 8.98
C ILE G 47 -28.14 0.27 7.51
N ILE G 48 -28.55 1.35 6.85
CA ILE G 48 -27.84 1.76 5.64
C ILE G 48 -26.52 2.38 6.09
N ASN G 49 -25.43 1.87 5.54
CA ASN G 49 -24.10 2.27 6.02
C ASN G 49 -23.32 3.19 5.07
N ARG G 50 -23.89 3.44 3.89
CA ARG G 50 -23.21 4.27 2.91
C ARG G 50 -24.21 4.81 1.90
N PHE G 51 -24.00 6.03 1.44
CA PHE G 51 -24.80 6.60 0.39
C PHE G 51 -23.87 7.28 -0.60
N THR G 52 -24.04 7.05 -1.89
CA THR G 52 -23.26 7.79 -2.89
C THR G 52 -24.17 8.41 -3.92
N CYS G 53 -23.72 9.56 -4.43
CA CYS G 53 -24.36 10.20 -5.58
C CYS G 53 -23.26 10.51 -6.58
N GLU G 54 -23.49 10.07 -7.83
CA GLU G 54 -22.59 10.38 -8.93
C GLU G 54 -23.36 11.09 -10.03
N LEU G 55 -22.67 11.96 -10.77
CA LEU G 55 -23.25 12.61 -11.93
C LEU G 55 -22.35 12.30 -13.13
N ASN G 56 -22.95 11.67 -14.15
CA ASN G 56 -22.17 11.20 -15.30
C ASN G 56 -20.93 10.42 -14.90
N GLY G 57 -21.08 9.60 -13.85
CA GLY G 57 -20.01 8.69 -13.42
C GLY G 57 -18.98 9.34 -12.52
N VAL G 58 -19.15 10.62 -12.23
CA VAL G 58 -18.21 11.36 -11.38
C VAL G 58 -18.84 11.58 -10.00
N ASN G 59 -18.10 11.28 -8.94
CA ASN G 59 -18.69 11.39 -7.62
C ASN G 59 -19.04 12.82 -7.25
N VAL G 60 -20.24 12.99 -6.72
CA VAL G 60 -20.66 14.25 -6.10
C VAL G 60 -20.40 14.12 -4.58
N VAL G 61 -21.03 13.13 -3.94
CA VAL G 61 -20.76 12.87 -2.53
C VAL G 61 -20.69 11.38 -2.25
N ASP G 62 -19.96 11.02 -1.21
CA ASP G 62 -19.85 9.63 -0.79
C ASP G 62 -19.88 9.70 0.73
N VAL G 63 -20.97 9.21 1.30
CA VAL G 63 -21.27 9.42 2.72
C VAL G 63 -21.17 8.11 3.49
N ALA G 64 -20.28 8.06 4.49
CA ALA G 64 -20.23 6.95 5.42
C ALA G 64 -21.29 7.23 6.49
N ILE G 65 -22.19 6.28 6.73
CA ILE G 65 -23.32 6.49 7.60
C ILE G 65 -23.20 5.56 8.82
N ASP G 66 -23.21 6.18 10.00
CA ASP G 66 -23.17 5.42 11.22
C ASP G 66 -24.53 5.37 11.87
N PRO G 67 -24.71 4.53 12.90
CA PRO G 67 -26.06 4.36 13.47
C PRO G 67 -26.74 5.58 14.03
N ALA G 68 -26.02 6.68 14.24
CA ALA G 68 -26.67 7.91 14.73
C ALA G 68 -27.38 8.74 13.66
N VAL G 69 -27.27 8.35 12.39
CA VAL G 69 -28.10 9.00 11.38
C VAL G 69 -29.56 8.56 11.62
N SER G 70 -30.48 9.50 11.41
CA SER G 70 -31.88 9.27 11.75
CA SER G 70 -31.89 9.28 11.73
C SER G 70 -32.54 8.16 10.89
N THR G 71 -33.61 7.61 11.44
CA THR G 71 -34.55 6.77 10.71
C THR G 71 -34.93 7.55 9.45
N ASN G 72 -35.10 6.83 8.35
CA ASN G 72 -35.34 7.44 7.03
C ASN G 72 -34.25 8.46 6.67
N PRO G 73 -33.02 7.97 6.41
CA PRO G 73 -31.89 8.88 6.17
C PRO G 73 -32.15 9.88 5.04
N TYR G 74 -31.73 11.11 5.29
CA TYR G 74 -31.86 12.25 4.38
C TYR G 74 -30.52 12.90 4.15
N PHE G 75 -30.15 13.15 2.90
CA PHE G 75 -28.92 13.87 2.56
C PHE G 75 -29.21 14.93 1.54
N GLU G 76 -28.63 16.10 1.78
CA GLU G 76 -28.74 17.21 0.86
C GLU G 76 -27.34 17.75 0.60
N PHE G 77 -27.07 18.11 -0.64
CA PHE G 77 -25.74 18.52 -1.09
C PHE G 77 -25.91 19.16 -2.46
N ASP G 78 -24.82 19.66 -3.02
CA ASP G 78 -24.91 20.51 -4.21
C ASP G 78 -24.03 19.95 -5.32
N ALA G 79 -24.64 19.76 -6.50
CA ALA G 79 -23.91 19.25 -7.64
C ALA G 79 -23.68 20.33 -8.69
N LYS G 80 -22.54 20.24 -9.35
CA LYS G 80 -22.20 21.13 -10.47
C LYS G 80 -22.61 20.44 -11.76
N VAL G 81 -23.53 21.06 -12.50
CA VAL G 81 -24.07 20.47 -13.72
C VAL G 81 -23.50 21.26 -14.90
N ASP G 82 -22.51 20.68 -15.57
CA ASP G 82 -21.83 21.34 -16.70
C ASP G 82 -22.44 20.91 -18.03
N ALA G 83 -23.10 19.74 -18.02
CA ALA G 83 -23.68 19.17 -19.24
C ALA G 83 -24.81 18.21 -18.87
N ALA G 84 -25.57 17.79 -19.87
CA ALA G 84 -26.62 16.81 -19.68
C ALA G 84 -26.04 15.49 -19.23
N GLY G 85 -26.74 14.81 -18.33
CA GLY G 85 -26.29 13.49 -17.88
C GLY G 85 -27.16 12.87 -16.82
N GLU G 86 -26.74 11.73 -16.32
CA GLU G 86 -27.55 10.98 -15.35
C GLU G 86 -26.95 11.06 -13.97
N PHE G 87 -27.80 11.33 -12.98
CA PHE G 87 -27.43 11.13 -11.59
C PHE G 87 -27.67 9.67 -11.23
N LYS G 88 -26.75 9.09 -10.45
CA LYS G 88 -26.97 7.76 -9.93
C LYS G 88 -26.84 7.85 -8.42
N PHE G 89 -27.85 7.34 -7.74
CA PHE G 89 -27.91 7.34 -6.26
C PHE G 89 -27.84 5.90 -5.78
N THR G 90 -26.96 5.61 -4.82
CA THR G 90 -26.82 4.26 -4.31
C THR G 90 -26.80 4.32 -2.79
N TRP G 91 -27.65 3.51 -2.18
CA TRP G 91 -27.62 3.30 -0.72
C TRP G 91 -27.21 1.84 -0.44
N TYR G 92 -26.31 1.63 0.49
CA TYR G 92 -25.78 0.29 0.79
C TYR G 92 -26.27 -0.17 2.16
N ASP G 93 -26.94 -1.32 2.21
CA ASP G 93 -27.51 -1.84 3.46
C ASP G 93 -26.51 -2.76 4.15
N ASP G 94 -26.48 -2.73 5.49
CA ASP G 94 -25.73 -3.73 6.26
C ASP G 94 -26.06 -5.17 5.87
N ASP G 95 -27.29 -5.40 5.42
CA ASP G 95 -27.76 -6.78 5.13
C ASP G 95 -27.34 -7.25 3.72
N GLY G 96 -26.57 -6.42 3.02
CA GLY G 96 -25.95 -6.78 1.75
C GLY G 96 -26.71 -6.27 0.55
N SER G 97 -27.94 -5.83 0.77
CA SER G 97 -28.79 -5.25 -0.26
CA SER G 97 -28.73 -5.30 -0.33
C SER G 97 -28.29 -3.88 -0.68
N VAL G 98 -28.61 -3.47 -1.91
CA VAL G 98 -28.38 -2.09 -2.36
C VAL G 98 -29.67 -1.52 -2.92
N TYR G 99 -29.83 -0.21 -2.79
CA TYR G 99 -30.96 0.51 -3.36
C TYR G 99 -30.35 1.52 -4.31
N GLU G 100 -30.81 1.52 -5.54
CA GLU G 100 -30.23 2.35 -6.58
CA GLU G 100 -30.22 2.34 -6.58
C GLU G 100 -31.32 3.11 -7.30
N ASP G 101 -31.02 4.36 -7.66
CA ASP G 101 -31.98 5.20 -8.35
C ASP G 101 -31.21 5.98 -9.37
N VAL G 102 -31.71 6.02 -10.61
CA VAL G 102 -31.02 6.75 -11.68
C VAL G 102 -31.99 7.79 -12.26
N LYS G 103 -31.51 9.02 -12.45
CA LYS G 103 -32.37 10.07 -12.98
C LYS G 103 -31.56 11.05 -13.82
N PRO G 104 -32.00 11.31 -15.06
CA PRO G 104 -31.26 12.25 -15.91
C PRO G 104 -31.49 13.71 -15.55
N ILE G 105 -30.54 14.55 -15.95
CA ILE G 105 -30.75 15.98 -15.91
C ILE G 105 -30.43 16.53 -17.31
N ALA G 106 -31.30 17.43 -17.75
CA ALA G 106 -31.21 18.05 -19.07
C ALA G 106 -30.52 19.40 -18.95
N VAL G 107 -29.67 19.71 -19.93
CA VAL G 107 -29.10 21.04 -20.03
C VAL G 107 -29.47 21.62 -21.40
N ALA G 108 -28.76 21.19 -22.45
CA ALA G 108 -28.93 21.71 -23.82
C ALA G 108 -28.52 23.17 -23.97
N HIS H 10 -20.50 -4.75 22.89
CA HIS H 10 -19.55 -4.71 21.73
C HIS H 10 -18.36 -3.77 22.02
N GLY H 11 -17.64 -3.40 20.98
CA GLY H 11 -16.58 -2.41 21.10
C GLY H 11 -17.12 -1.02 21.38
N SER H 12 -16.28 -0.20 21.99
CA SER H 12 -16.60 1.21 22.23
C SER H 12 -15.46 2.08 21.73
N SER H 13 -15.79 3.34 21.48
CA SER H 13 -14.82 4.31 21.02
C SER H 13 -15.22 5.68 21.51
N THR H 14 -14.27 6.61 21.42
CA THR H 14 -14.49 7.95 21.93
C THR H 14 -14.37 9.03 20.86
N VAL H 15 -14.82 10.24 21.19
CA VAL H 15 -14.58 11.36 20.31
C VAL H 15 -13.10 11.54 20.00
N ASP H 16 -12.25 11.42 21.01
CA ASP H 16 -10.80 11.58 20.76
C ASP H 16 -10.28 10.56 19.78
N GLU H 17 -10.77 9.33 19.90
CA GLU H 17 -10.28 8.26 19.00
C GLU H 17 -10.74 8.44 17.56
N LEU H 18 -12.02 8.77 17.37
CA LEU H 18 -12.48 9.05 15.99
C LEU H 18 -11.80 10.28 15.43
N THR H 19 -11.63 11.32 16.27
CA THR H 19 -10.89 12.48 15.82
C THR H 19 -9.46 12.13 15.40
N ALA H 20 -8.76 11.38 16.25
CA ALA H 20 -7.36 11.05 15.93
C ALA H 20 -7.28 10.22 14.67
N ALA H 21 -8.23 9.31 14.47
CA ALA H 21 -8.25 8.55 13.21
C ALA H 21 -8.40 9.50 12.01
N PHE H 22 -9.36 10.42 12.12
CA PHE H 22 -9.61 11.32 11.00
C PHE H 22 -8.42 12.24 10.71
N THR H 23 -7.78 12.72 11.78
CA THR H 23 -6.69 13.68 11.60
C THR H 23 -5.32 13.02 11.49
N GLY H 24 -5.27 11.70 11.67
CA GLY H 24 -3.95 11.03 11.80
C GLY H 24 -3.17 11.48 13.03
N GLY H 25 -3.88 11.98 14.02
CA GLY H 25 -3.23 12.44 15.24
C GLY H 25 -2.65 13.85 15.17
N ALA H 26 -2.84 14.53 14.05
CA ALA H 26 -2.33 15.89 13.92
C ALA H 26 -3.27 16.86 14.62
N ALA H 27 -2.72 17.99 15.04
CA ALA H 27 -3.56 18.97 15.69
C ALA H 27 -4.60 19.56 14.75
N THR H 28 -5.76 19.87 15.30
CA THR H 28 -6.80 20.54 14.52
C THR H 28 -6.69 22.06 14.62
N GLY H 29 -7.06 22.73 13.53
CA GLY H 29 -7.14 24.18 13.49
C GLY H 29 -8.57 24.63 13.74
N GLU H 30 -8.81 25.90 13.52
CA GLU H 30 -10.17 26.40 13.71
C GLU H 30 -10.49 27.35 12.58
N GLY H 31 -11.78 27.59 12.38
CA GLY H 31 -12.23 28.45 11.29
C GLY H 31 -12.38 27.69 9.99
N GLY H 32 -13.03 28.31 9.03
CA GLY H 32 -13.21 27.72 7.72
C GLY H 32 -14.28 26.63 7.68
N LEU H 33 -15.09 26.54 8.73
CA LEU H 33 -16.12 25.48 8.86
C LEU H 33 -17.36 26.00 9.61
N THR H 34 -18.49 26.03 8.92
CA THR H 34 -19.72 26.42 9.54
C THR H 34 -20.48 25.17 9.88
N LEU H 35 -20.90 25.07 11.14
CA LEU H 35 -21.74 23.98 11.64
C LEU H 35 -23.03 24.56 12.15
N THR H 36 -24.15 24.18 11.52
CA THR H 36 -25.47 24.73 11.86
C THR H 36 -26.35 23.64 12.45
N ALA H 37 -26.81 23.86 13.67
CA ALA H 37 -27.74 22.97 14.32
C ALA H 37 -28.69 23.83 15.15
N PRO H 38 -29.89 23.31 15.46
CA PRO H 38 -30.80 24.11 16.29
C PRO H 38 -30.24 24.31 17.69
N GLU H 39 -30.60 25.44 18.28
CA GLU H 39 -30.24 25.71 19.66
C GLU H 39 -30.94 24.68 20.57
N ILE H 40 -32.23 24.42 20.29
CA ILE H 40 -32.99 23.39 20.97
C ILE H 40 -33.63 22.51 19.92
N ALA H 41 -33.34 21.22 20.01
CA ALA H 41 -33.98 20.22 19.17
C ALA H 41 -35.10 19.63 20.00
N GLU H 42 -36.35 19.87 19.59
CA GLU H 42 -37.45 19.31 20.35
C GLU H 42 -37.46 17.79 20.25
N ASN H 43 -37.10 17.25 19.08
CA ASN H 43 -37.14 15.82 18.86
C ASN H 43 -35.72 15.32 18.57
N GLY H 44 -35.12 14.69 19.57
CA GLY H 44 -33.76 14.18 19.45
C GLY H 44 -33.63 13.00 18.49
N ASN H 45 -34.73 12.41 18.04
CA ASN H 45 -34.63 11.36 17.01
C ASN H 45 -34.33 11.91 15.63
N THR H 46 -34.55 13.21 15.43
CA THR H 46 -34.43 13.80 14.11
C THR H 46 -33.99 15.25 14.23
N VAL H 47 -32.68 15.43 14.35
CA VAL H 47 -32.11 16.74 14.48
C VAL H 47 -31.43 17.18 13.19
N PRO H 48 -31.87 18.30 12.58
CA PRO H 48 -31.24 18.81 11.37
C PRO H 48 -29.85 19.38 11.60
N ILE H 49 -28.90 18.94 10.77
CA ILE H 49 -27.51 19.41 10.85
C ILE H 49 -27.04 19.80 9.47
N GLU H 50 -26.46 20.98 9.35
CA GLU H 50 -25.78 21.41 8.15
C GLU H 50 -24.32 21.76 8.41
N VAL H 51 -23.46 21.30 7.51
CA VAL H 51 -22.04 21.64 7.56
C VAL H 51 -21.60 22.27 6.25
N LYS H 52 -20.78 23.30 6.31
CA LYS H 52 -20.09 23.75 5.12
C LYS H 52 -18.65 24.08 5.42
N ALA H 53 -17.79 23.66 4.53
CA ALA H 53 -16.36 23.89 4.70
C ALA H 53 -15.68 24.01 3.36
N PRO H 54 -15.67 25.22 2.80
CA PRO H 54 -15.13 25.38 1.45
C PRO H 54 -13.76 24.77 1.28
N GLY H 55 -13.60 23.98 0.22
CA GLY H 55 -12.35 23.28 -0.07
C GLY H 55 -12.13 21.93 0.59
N ALA H 56 -13.02 21.56 1.51
CA ALA H 56 -12.86 20.29 2.22
C ALA H 56 -13.00 19.10 1.26
N VAL H 57 -12.16 18.08 1.47
CA VAL H 57 -12.36 16.78 0.82
C VAL H 57 -13.34 15.93 1.61
N ALA H 58 -13.46 16.18 2.92
CA ALA H 58 -14.32 15.36 3.76
C ALA H 58 -14.69 16.16 5.00
N ILE H 59 -15.91 15.94 5.49
CA ILE H 59 -16.35 16.50 6.75
C ILE H 59 -16.94 15.39 7.61
N MET H 60 -16.37 15.19 8.79
CA MET H 60 -16.86 14.19 9.74
C MET H 60 -17.70 14.88 10.81
N LEU H 61 -18.84 14.26 11.14
CA LEU H 61 -19.67 14.68 12.27
C LEU H 61 -19.55 13.71 13.43
N LEU H 62 -19.44 14.23 14.65
CA LEU H 62 -19.40 13.41 15.83
C LEU H 62 -20.43 13.95 16.83
N ALA H 63 -20.93 13.08 17.69
CA ALA H 63 -21.93 13.47 18.70
C ALA H 63 -21.31 13.14 20.05
N ALA H 64 -20.91 14.17 20.80
CA ALA H 64 -20.04 13.95 21.96
C ALA H 64 -20.75 13.31 23.17
N GLY H 65 -22.07 13.31 23.15
CA GLY H 65 -22.84 12.77 24.25
C GLY H 65 -23.65 11.53 23.95
N ASN H 66 -23.54 10.99 22.75
CA ASN H 66 -24.20 9.73 22.42
C ASN H 66 -23.43 8.54 23.00
N PRO H 67 -24.08 7.37 23.17
CA PRO H 67 -23.35 6.20 23.67
C PRO H 67 -22.09 5.91 22.86
N GLU H 68 -22.20 6.05 21.54
CA GLU H 68 -21.05 5.98 20.65
C GLU H 68 -21.00 7.28 19.83
N PRO H 69 -19.80 7.79 19.55
CA PRO H 69 -19.65 9.13 18.94
C PRO H 69 -19.90 9.28 17.45
N ALA H 70 -19.75 8.20 16.68
CA ALA H 70 -19.77 8.37 15.23
C ALA H 70 -21.16 8.79 14.75
N VAL H 71 -21.18 9.58 13.69
CA VAL H 71 -22.45 10.00 13.09
C VAL H 71 -22.43 9.75 11.59
N ALA H 72 -21.57 10.48 10.88
CA ALA H 72 -21.43 10.31 9.44
C ALA H 72 -20.16 11.04 8.99
N THR H 73 -19.62 10.61 7.85
CA THR H 73 -18.58 11.37 7.19
C THR H 73 -18.97 11.63 5.77
N PHE H 74 -18.96 12.90 5.39
CA PHE H 74 -19.23 13.28 4.00
C PHE H 74 -17.95 13.48 3.22
N ASN H 75 -17.75 12.67 2.18
CA ASN H 75 -16.66 12.91 1.25
C ASN H 75 -17.21 13.59 0.01
N PHE H 76 -16.55 14.68 -0.40
CA PHE H 76 -16.98 15.46 -1.56
C PHE H 76 -16.14 15.07 -2.76
N GLY H 77 -16.82 14.72 -3.85
CA GLY H 77 -16.13 14.33 -5.06
C GLY H 77 -16.01 15.48 -6.06
N PRO H 78 -15.43 15.20 -7.23
CA PRO H 78 -15.11 16.24 -8.21
C PRO H 78 -16.33 16.94 -8.80
N ALA H 79 -17.50 16.30 -8.73
CA ALA H 79 -18.73 16.91 -9.22
C ALA H 79 -19.54 17.68 -8.20
N ALA H 80 -19.07 17.76 -6.95
CA ALA H 80 -19.74 18.61 -5.98
C ALA H 80 -19.50 20.07 -6.37
N ALA H 81 -20.55 20.89 -6.29
CA ALA H 81 -20.44 22.30 -6.63
C ALA H 81 -19.80 23.09 -5.49
N ASP H 82 -19.96 22.57 -4.29
CA ASP H 82 -19.43 23.23 -3.09
C ASP H 82 -19.41 22.17 -2.00
N GLN H 83 -18.90 22.53 -0.83
CA GLN H 83 -18.74 21.55 0.26
C GLN H 83 -19.73 21.76 1.40
N ARG H 84 -21.00 21.83 1.03
CA ARG H 84 -22.10 21.92 1.95
C ARG H 84 -22.81 20.59 1.94
N ALA H 85 -23.20 20.12 3.11
CA ALA H 85 -24.06 18.95 3.22
C ALA H 85 -24.98 19.09 4.42
N ALA H 86 -26.16 18.47 4.33
CA ALA H 86 -27.11 18.48 5.42
C ALA H 86 -27.70 17.09 5.58
N THR H 87 -28.05 16.77 6.82
CA THR H 87 -28.67 15.49 7.14
C THR H 87 -29.49 15.68 8.41
N ARG H 88 -30.04 14.60 8.93
CA ARG H 88 -30.74 14.57 10.21
C ARG H 88 -30.17 13.46 11.06
N ILE H 89 -29.95 13.75 12.33
CA ILE H 89 -29.26 12.79 13.19
C ILE H 89 -29.99 12.60 14.51
N ARG H 90 -29.59 11.54 15.22
CA ARG H 90 -30.17 11.18 16.52
C ARG H 90 -29.25 11.68 17.62
N LEU H 91 -29.80 12.42 18.58
CA LEU H 91 -29.06 12.84 19.77
C LEU H 91 -29.78 12.34 21.02
N ALA H 92 -29.09 11.55 21.84
CA ALA H 92 -29.71 10.89 22.98
C ALA H 92 -30.09 11.85 24.10
N GLN H 93 -29.39 12.98 24.17
CA GLN H 93 -29.50 13.96 25.24
C GLN H 93 -28.83 15.24 24.76
N THR H 94 -29.09 16.34 25.45
CA THR H 94 -28.35 17.56 25.24
C THR H 94 -26.85 17.25 25.21
N GLN H 95 -26.16 17.81 24.23
CA GLN H 95 -24.74 17.53 24.00
C GLN H 95 -24.11 18.44 22.98
N ASP H 96 -22.79 18.39 22.88
CA ASP H 96 -22.10 19.06 21.76
C ASP H 96 -22.00 18.17 20.52
N VAL H 97 -22.21 18.80 19.38
CA VAL H 97 -21.96 18.16 18.09
C VAL H 97 -20.69 18.80 17.55
N ILE H 98 -19.79 17.94 17.04
CA ILE H 98 -18.51 18.34 16.50
C ILE H 98 -18.46 18.08 15.00
N ALA H 99 -17.89 19.03 14.27
CA ALA H 99 -17.57 18.81 12.86
C ALA H 99 -16.08 18.99 12.63
N LEU H 100 -15.51 18.08 11.83
CA LEU H 100 -14.09 18.11 11.47
C LEU H 100 -14.02 18.16 9.97
N ALA H 101 -13.37 19.19 9.40
CA ALA H 101 -13.24 19.32 7.94
C ALA H 101 -11.80 19.13 7.52
N LYS H 102 -11.58 18.18 6.63
CA LYS H 102 -10.24 17.85 6.13
C LYS H 102 -10.00 18.47 4.77
N MET H 103 -8.86 19.12 4.61
CA MET H 103 -8.52 19.79 3.37
C MET H 103 -7.68 18.88 2.50
N ALA H 104 -7.45 19.31 1.27
CA ALA H 104 -6.69 18.48 0.34
C ALA H 104 -5.28 18.17 0.84
N ASP H 105 -4.71 19.06 1.67
CA ASP H 105 -3.37 18.83 2.25
C ASP H 105 -3.41 17.90 3.47
N GLY H 106 -4.60 17.43 3.83
CA GLY H 106 -4.74 16.51 4.96
C GLY H 106 -4.92 17.21 6.31
N SER H 107 -4.76 18.53 6.34
CA SER H 107 -5.01 19.28 7.56
C SER H 107 -6.50 19.31 7.89
N VAL H 108 -6.80 19.49 9.16
CA VAL H 108 -8.18 19.40 9.64
C VAL H 108 -8.52 20.59 10.53
N VAL H 109 -9.70 21.15 10.31
CA VAL H 109 -10.20 22.21 11.17
C VAL H 109 -11.44 21.69 11.89
N LYS H 110 -11.71 22.23 13.07
CA LYS H 110 -12.78 21.78 13.95
C LYS H 110 -13.73 22.92 14.31
N ALA H 111 -15.00 22.58 14.35
CA ALA H 111 -16.06 23.44 14.88
C ALA H 111 -16.93 22.58 15.81
N GLN H 112 -17.63 23.22 16.74
CA GLN H 112 -18.43 22.53 17.69
C GLN H 112 -19.59 23.44 18.12
N THR H 113 -20.74 22.84 18.40
CA THR H 113 -21.90 23.63 18.84
C THR H 113 -22.74 22.79 19.79
N THR H 114 -23.40 23.45 20.72
CA THR H 114 -24.23 22.77 21.68
C THR H 114 -25.66 22.65 21.16
N VAL H 115 -26.24 21.46 21.30
CA VAL H 115 -27.63 21.26 20.94
C VAL H 115 -28.37 20.79 22.16
N LYS H 116 -29.30 21.63 22.66
CA LYS H 116 -30.16 21.20 23.74
C LYS H 116 -31.25 20.31 23.18
N VAL H 117 -31.58 19.24 23.90
CA VAL H 117 -32.52 18.25 23.39
C VAL H 117 -33.65 18.06 24.41
N THR H 118 -34.87 18.33 23.98
CA THR H 118 -36.00 18.21 24.87
C THR H 118 -36.30 16.73 25.12
N ILE H 119 -36.55 15.99 24.04
CA ILE H 119 -36.82 14.56 24.13
C ILE H 119 -35.68 13.83 23.43
N GLY H 120 -34.90 13.09 24.20
CA GLY H 120 -33.74 12.37 23.69
C GLY H 120 -34.12 11.38 22.61
N GLY H 121 -33.26 11.23 21.62
CA GLY H 121 -33.48 10.28 20.54
C GLY H 121 -32.75 8.97 20.72
S SO4 I . 19.54 3.54 -7.45
O1 SO4 I . 20.27 2.47 -8.14
O2 SO4 I . 18.92 3.04 -6.23
O3 SO4 I . 18.51 4.07 -8.34
O4 SO4 I . 20.49 4.61 -7.12
C1 EDO J . 12.22 -19.02 0.93
O1 EDO J . 13.03 -20.20 1.02
C2 EDO J . 11.50 -18.88 -0.42
O2 EDO J . 11.08 -20.15 -0.94
S SO4 K . 13.16 5.13 30.36
O1 SO4 K . 14.02 4.59 29.29
O2 SO4 K . 12.61 6.42 29.97
O3 SO4 K . 13.97 5.29 31.58
O4 SO4 K . 12.07 4.17 30.60
C1 EDO L . -8.50 -0.83 28.00
O1 EDO L . -7.67 -1.99 27.88
C2 EDO L . -9.30 -0.51 26.73
O2 EDO L . -9.92 -1.69 26.11
C1 EDO M . -14.41 4.42 29.54
O1 EDO M . -12.99 4.26 29.34
C2 EDO M . -15.17 3.20 29.01
O2 EDO M . -14.97 3.08 27.58
S SO4 N . 3.55 -23.58 -9.77
O1 SO4 N . 3.36 -24.47 -10.94
O2 SO4 N . 2.33 -22.81 -9.52
O3 SO4 N . 4.67 -22.67 -10.03
O4 SO4 N . 3.84 -24.41 -8.60
C1 EDO O . -12.30 11.05 25.02
O1 EDO O . -12.97 11.58 23.85
C2 EDO O . -13.26 10.95 26.22
O2 EDO O . -14.29 9.99 25.95
#